data_6E62
#
_entry.id   6E62
#
_cell.length_a   54.510
_cell.length_b   74.450
_cell.length_c   321.890
_cell.angle_alpha   90.00
_cell.angle_beta   90.00
_cell.angle_gamma   90.00
#
_symmetry.space_group_name_H-M   'P 21 21 21'
#
loop_
_entity.id
_entity.type
_entity.pdbx_description
1 polymer Pf48/45
2 polymer '85RF45.1 Fab heavy chain'
3 polymer '85RF45.1 Fab light chain'
4 non-polymer 2-acetamido-2-deoxy-beta-D-glucopyranose
5 non-polymer GLYCEROL
6 water water
#
loop_
_entity_poly.entity_id
_entity_poly.type
_entity_poly.pdbx_seq_one_letter_code
_entity_poly.pdbx_strand_id
1 'polypeptide(L)'
;EKKVIHGCNFSSNVSSKHTFTDSLDISLVDDSAHISCNVHLSEPKYNHLVGLNCPGDIIPDCFFQVYQPESEELEPSNIV
YLDSQINIGDIEYYEDAEGDDKIKLFGIVGSIPKTTSFTCICKKDKKSAYMTVTIDSAG
;
P,A
2 'polypeptide(L)'
;EVQLVESGGGLLQPGRSLKLSCVASGFTFNNYWMSWIRQAPGKGLEWIASISNIGGTIYYPDSVKGRFTISRDSAQNTLY
LQMNSLRSEDTATYYCTRDLRMSDYFDYWGQGTMVTVSSASTKGPSVFPLAPSSKSTSGGTAALGCLVKDYFPEPVTVSW
NSGALTSGVHTFPAVLQSSGLYSLSSVVTVPSSSLGTQTYICNVNHKPSNTKVDKKVEPKSC
;
H,B
3 'polypeptide(L)'
;QFVLSQPNSVSTNLGSTVKLLCKRSTGNIGSNYVSWYQHHEGRSPTTMIYRDDQRPDGVPDRFSGSIDRSSNSALLTIDN
VQTEDEAAYFCHSYSTGMYIFGGGTKLTVLGQPKAAPSVTLFPPSSEELQANKATLVCLISDFYPGAVTVAWKADSSPVK
AGVETTTPSKQSNNKYAASSYLSLTPEQWKSHRSYSCQVTHEGSTVEKTVAPTECS
;
L,C
#
# COMPACT_ATOMS: atom_id res chain seq x y z
N LYS A 3 10.37 17.75 -50.75
CA LYS A 3 9.14 17.00 -50.59
C LYS A 3 8.46 17.35 -49.27
N VAL A 4 7.14 17.45 -49.30
CA VAL A 4 6.37 17.97 -48.16
C VAL A 4 6.09 16.84 -47.18
N ILE A 5 5.89 17.21 -45.93
CA ILE A 5 5.51 16.28 -44.87
C ILE A 5 4.00 16.34 -44.71
N HIS A 6 3.32 15.24 -45.00
CA HIS A 6 1.88 15.17 -44.76
C HIS A 6 1.63 15.01 -43.28
N GLY A 7 1.41 16.12 -42.59
CA GLY A 7 1.32 16.09 -41.16
C GLY A 7 0.98 17.45 -40.60
N CYS A 8 1.28 17.63 -39.32
CA CYS A 8 0.79 18.77 -38.56
C CYS A 8 1.93 19.45 -37.83
N ASN A 9 2.12 20.74 -38.10
CA ASN A 9 3.09 21.56 -37.36
C ASN A 9 2.34 22.26 -36.23
N PHE A 10 2.64 21.87 -34.98
CA PHE A 10 2.02 22.51 -33.83
C PHE A 10 2.85 23.65 -33.26
N SER A 11 4.12 23.76 -33.65
CA SER A 11 4.96 24.83 -33.15
C SER A 11 4.75 26.11 -33.95
N SER A 12 5.12 27.22 -33.34
CA SER A 12 5.10 28.52 -34.00
C SER A 12 6.38 28.78 -34.79
N ASN A 13 7.34 27.86 -34.75
CA ASN A 13 8.55 27.97 -35.55
C ASN A 13 8.24 27.52 -36.97
N VAL A 14 8.21 28.47 -37.91
CA VAL A 14 8.10 28.13 -39.32
C VAL A 14 9.50 27.87 -39.86
N SER A 15 9.75 26.64 -40.30
CA SER A 15 11.06 26.26 -40.77
C SER A 15 10.95 25.78 -42.21
N SER A 16 11.99 26.06 -42.98
CA SER A 16 12.13 25.52 -44.32
C SER A 16 12.82 24.16 -44.33
N LYS A 17 13.44 23.78 -43.22
CA LYS A 17 14.05 22.45 -43.11
C LYS A 17 12.98 21.36 -43.18
N HIS A 18 11.80 21.63 -42.63
CA HIS A 18 10.67 20.71 -42.70
C HIS A 18 9.41 21.49 -42.99
N THR A 19 8.69 21.12 -44.04
CA THR A 19 7.45 21.80 -44.42
C THR A 19 6.28 20.83 -44.24
N PHE A 20 5.26 21.28 -43.52
CA PHE A 20 4.11 20.46 -43.20
C PHE A 20 2.89 20.94 -43.99
N THR A 21 2.04 19.99 -44.38
CA THR A 21 0.82 20.33 -45.11
C THR A 21 -0.14 21.14 -44.23
N ASP A 22 -0.36 20.68 -43.01
CA ASP A 22 -1.25 21.35 -42.07
C ASP A 22 -0.46 21.86 -40.87
N SER A 23 -1.03 22.87 -40.22
CA SER A 23 -0.40 23.45 -39.03
C SER A 23 -1.46 24.08 -38.17
N LEU A 24 -1.25 23.98 -36.86
CA LEU A 24 -2.15 24.59 -35.88
C LEU A 24 -1.32 24.91 -34.65
N ASP A 25 -1.23 26.20 -34.32
CA ASP A 25 -0.42 26.63 -33.19
C ASP A 25 -1.05 26.11 -31.90
N ILE A 26 -0.36 25.18 -31.23
CA ILE A 26 -0.91 24.55 -30.03
C ILE A 26 -1.11 25.58 -28.91
N SER A 27 -0.18 26.54 -28.79
CA SER A 27 -0.25 27.50 -27.70
C SER A 27 -1.49 28.38 -27.77
N LEU A 28 -2.18 28.38 -28.89
CA LEU A 28 -3.42 29.13 -29.07
C LEU A 28 -4.67 28.30 -28.78
N VAL A 29 -4.51 27.01 -28.48
CA VAL A 29 -5.61 26.10 -28.19
C VAL A 29 -5.94 26.16 -26.70
N ASP A 30 -7.21 26.00 -26.35
CA ASP A 30 -7.60 25.98 -24.94
C ASP A 30 -7.20 24.68 -24.26
N ASP A 31 -7.09 24.73 -22.94
CA ASP A 31 -6.73 23.54 -22.17
C ASP A 31 -7.83 22.48 -22.22
N SER A 32 -9.08 22.90 -22.37
CA SER A 32 -10.22 22.01 -22.28
C SER A 32 -10.86 21.74 -23.63
N ALA A 33 -10.16 22.02 -24.72
CA ALA A 33 -10.70 21.84 -26.06
C ALA A 33 -10.23 20.52 -26.66
N HIS A 34 -11.11 19.92 -27.45
CA HIS A 34 -10.82 18.67 -28.16
C HIS A 34 -10.60 19.02 -29.62
N ILE A 35 -9.36 19.36 -29.95
CA ILE A 35 -8.98 19.79 -31.29
C ILE A 35 -8.03 18.75 -31.87
N SER A 36 -8.21 18.45 -33.16
CA SER A 36 -7.32 17.53 -33.84
C SER A 36 -6.96 18.10 -35.21
N CYS A 37 -5.81 17.68 -35.71
CA CYS A 37 -5.35 17.99 -37.05
C CYS A 37 -5.24 16.70 -37.84
N ASN A 38 -5.93 16.63 -38.98
CA ASN A 38 -6.24 15.36 -39.63
C ASN A 38 -5.49 15.23 -40.94
N VAL A 39 -4.80 14.11 -41.10
CA VAL A 39 -4.11 13.76 -42.34
C VAL A 39 -4.82 12.57 -42.97
N HIS A 40 -5.20 12.69 -44.23
CA HIS A 40 -5.88 11.62 -44.95
C HIS A 40 -5.16 11.34 -46.25
N LEU A 41 -4.52 10.18 -46.35
CA LEU A 41 -3.87 9.73 -47.57
C LEU A 41 -4.77 8.76 -48.31
N SER A 42 -4.94 8.98 -49.61
CA SER A 42 -5.79 8.12 -50.44
C SER A 42 -5.17 8.05 -51.84
N GLU A 43 -4.15 7.19 -51.97
CA GLU A 43 -3.48 6.95 -53.24
C GLU A 43 -3.36 5.45 -53.48
N PRO A 44 -3.31 5.03 -54.75
CA PRO A 44 -3.13 3.59 -55.01
C PRO A 44 -1.81 3.05 -54.47
N LYS A 45 -0.71 3.73 -54.72
CA LYS A 45 0.57 3.42 -54.12
C LYS A 45 1.06 4.67 -53.40
N TYR A 46 1.93 4.47 -52.41
CA TYR A 46 2.36 5.58 -51.57
C TYR A 46 3.86 5.81 -51.68
N ASN A 47 4.25 7.06 -51.45
CA ASN A 47 5.62 7.51 -51.33
C ASN A 47 5.63 8.83 -50.58
N HIS A 48 5.22 8.79 -49.32
CA HIS A 48 4.90 10.00 -48.57
C HIS A 48 5.66 10.07 -47.25
N LEU A 49 5.97 11.29 -46.85
CA LEU A 49 6.45 11.56 -45.49
C LEU A 49 5.27 11.96 -44.63
N VAL A 50 5.15 11.31 -43.48
CA VAL A 50 4.09 11.59 -42.51
C VAL A 50 4.72 11.80 -41.15
N GLY A 51 4.30 12.85 -40.46
CA GLY A 51 4.85 13.13 -39.14
C GLY A 51 4.31 14.42 -38.59
N LEU A 52 4.92 14.87 -37.48
CA LEU A 52 4.45 16.08 -36.81
C LEU A 52 5.63 16.82 -36.19
N ASN A 53 5.39 18.08 -35.87
CA ASN A 53 6.33 18.94 -35.14
C ASN A 53 5.61 19.43 -33.89
N CYS A 54 6.05 18.99 -32.72
CA CYS A 54 5.40 19.29 -31.44
C CYS A 54 6.34 20.12 -30.58
N PRO A 55 5.94 21.34 -30.17
CA PRO A 55 6.81 22.15 -29.31
C PRO A 55 6.70 21.78 -27.84
N GLY A 56 6.20 20.58 -27.56
CA GLY A 56 6.08 20.11 -26.20
C GLY A 56 6.52 18.67 -26.05
N ASP A 57 5.59 17.79 -25.69
CA ASP A 57 5.87 16.37 -25.56
C ASP A 57 4.93 15.56 -26.44
N ILE A 58 5.43 14.42 -26.92
CA ILE A 58 4.75 13.57 -27.88
C ILE A 58 4.33 12.29 -27.17
N ILE A 59 3.06 11.94 -27.26
CA ILE A 59 2.55 10.72 -26.63
C ILE A 59 1.72 9.94 -27.65
N PRO A 60 2.03 8.67 -27.90
CA PRO A 60 3.18 7.97 -27.33
C PRO A 60 4.47 8.31 -28.07
N ASP A 61 5.49 7.46 -27.98
CA ASP A 61 6.73 7.74 -28.69
C ASP A 61 6.54 7.56 -30.20
N CYS A 62 5.87 8.50 -30.83
CA CYS A 62 5.61 8.47 -32.26
C CYS A 62 6.92 8.62 -33.04
N PHE A 63 6.99 7.97 -34.20
CA PHE A 63 5.87 7.20 -34.74
C PHE A 63 6.08 5.69 -34.67
N PHE A 64 7.15 5.24 -34.00
CA PHE A 64 7.31 3.81 -33.79
C PHE A 64 6.13 3.25 -33.00
N GLN A 65 5.71 3.95 -31.96
CA GLN A 65 4.43 3.72 -31.32
C GLN A 65 3.41 4.73 -31.83
N VAL A 66 2.16 4.30 -31.92
CA VAL A 66 1.05 5.18 -32.22
C VAL A 66 -0.09 4.86 -31.25
N TYR A 67 -1.22 5.51 -31.45
CA TYR A 67 -2.32 5.41 -30.49
C TYR A 67 -3.63 5.27 -31.27
N GLN A 68 -4.32 4.16 -31.09
CA GLN A 68 -5.65 3.98 -31.68
C GLN A 68 -6.69 4.04 -30.56
N PRO A 69 -7.48 5.10 -30.46
CA PRO A 69 -8.39 5.24 -29.33
C PRO A 69 -9.76 4.60 -29.59
N GLU A 70 -10.40 4.25 -28.48
CA GLU A 70 -11.79 3.78 -28.49
C GLU A 70 -12.65 4.50 -27.47
N SER A 71 -12.11 5.48 -26.75
CA SER A 71 -12.84 6.19 -25.72
C SER A 71 -12.27 7.61 -25.59
N GLU A 72 -13.05 8.48 -24.96
CA GLU A 72 -12.57 9.83 -24.66
C GLU A 72 -11.80 9.83 -23.34
N GLU A 73 -10.83 8.92 -23.26
CA GLU A 73 -9.98 8.75 -22.10
C GLU A 73 -8.99 9.92 -21.97
N LEU A 74 -8.50 10.13 -20.75
CA LEU A 74 -7.48 11.14 -20.52
C LEU A 74 -6.07 10.61 -20.80
N GLU A 75 -5.79 9.37 -20.39
CA GLU A 75 -4.50 8.75 -20.64
C GLU A 75 -4.64 7.64 -21.66
N PRO A 76 -3.75 7.55 -22.68
CA PRO A 76 -3.89 6.52 -23.72
C PRO A 76 -3.94 5.09 -23.18
N SER A 77 -2.76 4.47 -23.05
CA SER A 77 -2.61 3.12 -22.51
C SER A 77 -3.20 2.05 -23.42
N ASN A 78 -3.66 2.44 -24.61
CA ASN A 78 -4.03 1.51 -25.68
C ASN A 78 -3.11 1.85 -26.85
N ILE A 79 -1.86 1.44 -26.71
CA ILE A 79 -0.77 1.84 -27.59
C ILE A 79 -0.37 0.66 -28.45
N VAL A 80 -0.37 0.86 -29.76
CA VAL A 80 0.07 -0.15 -30.72
C VAL A 80 1.32 0.38 -31.43
N TYR A 81 1.93 -0.49 -32.21
CA TYR A 81 3.13 -0.15 -32.97
C TYR A 81 2.77 0.05 -34.44
N LEU A 82 3.44 1.02 -35.08
CA LEU A 82 3.14 1.37 -36.45
C LEU A 82 3.34 0.18 -37.39
N ASP A 83 4.36 -0.65 -37.12
CA ASP A 83 4.62 -1.79 -37.98
C ASP A 83 3.42 -2.73 -38.04
N SER A 84 2.92 -3.12 -36.86
CA SER A 84 1.79 -4.07 -36.82
C SER A 84 0.50 -3.42 -37.32
N GLN A 85 0.38 -2.11 -37.20
CA GLN A 85 -0.89 -1.46 -37.55
C GLN A 85 -0.98 -1.20 -39.05
N ILE A 86 0.06 -0.63 -39.65
CA ILE A 86 0.09 -0.43 -41.09
C ILE A 86 0.30 -1.75 -41.81
N ASN A 87 1.20 -2.59 -41.27
CA ASN A 87 1.54 -3.89 -41.86
C ASN A 87 2.04 -3.73 -43.30
N ILE A 88 3.05 -2.87 -43.45
CA ILE A 88 3.72 -2.66 -44.73
C ILE A 88 5.18 -3.10 -44.67
N GLY A 89 5.57 -3.80 -43.60
CA GLY A 89 6.93 -4.33 -43.52
C GLY A 89 7.88 -3.30 -42.93
N ASP A 90 9.01 -3.10 -43.61
CA ASP A 90 10.04 -2.18 -43.14
C ASP A 90 9.59 -0.75 -43.39
N ILE A 91 9.57 0.07 -42.34
CA ILE A 91 9.23 1.47 -42.41
C ILE A 91 10.44 2.29 -41.96
N GLU A 92 10.75 3.35 -42.70
CA GLU A 92 11.83 4.25 -42.35
C GLU A 92 11.32 5.32 -41.40
N TYR A 93 11.98 5.46 -40.25
CA TYR A 93 11.61 6.44 -39.25
C TYR A 93 12.63 7.58 -39.23
N TYR A 94 12.16 8.77 -38.85
CA TYR A 94 12.99 9.96 -38.83
C TYR A 94 12.78 10.71 -37.53
N GLU A 95 13.68 11.65 -37.27
CA GLU A 95 13.55 12.54 -36.10
C GLU A 95 14.52 13.71 -36.27
N ASP A 96 14.15 14.83 -35.65
CA ASP A 96 14.96 16.04 -35.69
C ASP A 96 14.51 16.94 -34.54
N ALA A 97 15.42 17.80 -34.09
CA ALA A 97 15.14 18.73 -33.01
C ALA A 97 15.38 20.16 -33.46
N GLU A 98 14.76 21.10 -32.74
CA GLU A 98 14.89 22.52 -33.02
C GLU A 98 14.51 23.33 -31.79
N GLY A 99 15.34 23.26 -30.75
CA GLY A 99 14.95 23.83 -29.47
C GLY A 99 14.03 22.88 -28.74
N ASP A 100 12.87 23.39 -28.32
CA ASP A 100 11.83 22.51 -27.78
C ASP A 100 11.07 21.80 -28.89
N ASP A 101 11.25 22.18 -30.13
CA ASP A 101 10.55 21.54 -31.24
C ASP A 101 11.03 20.12 -31.42
N LYS A 102 10.09 19.19 -31.51
CA LYS A 102 10.38 17.77 -31.72
C LYS A 102 9.67 17.34 -32.99
N ILE A 103 10.45 17.01 -34.02
CA ILE A 103 9.94 16.54 -35.30
C ILE A 103 10.13 15.03 -35.35
N LYS A 104 9.03 14.31 -35.46
CA LYS A 104 9.04 12.86 -35.61
C LYS A 104 8.34 12.52 -36.92
N LEU A 105 8.99 11.72 -37.75
CA LEU A 105 8.48 11.37 -39.07
C LEU A 105 8.58 9.87 -39.29
N PHE A 106 7.87 9.41 -40.32
CA PHE A 106 8.07 8.08 -40.86
C PHE A 106 7.76 8.15 -42.36
N GLY A 107 8.34 7.21 -43.10
CA GLY A 107 8.16 7.14 -44.54
C GLY A 107 7.41 5.85 -44.91
N ILE A 108 6.45 6.01 -45.81
CA ILE A 108 5.65 4.89 -46.29
C ILE A 108 5.81 4.82 -47.80
N VAL A 109 6.20 3.64 -48.29
CA VAL A 109 6.43 3.43 -49.72
C VAL A 109 5.70 2.17 -50.12
N GLY A 110 4.78 2.29 -51.07
CA GLY A 110 4.03 1.16 -51.59
C GLY A 110 2.57 1.22 -51.19
N SER A 111 1.87 0.13 -51.45
CA SER A 111 0.47 0.00 -51.10
C SER A 111 0.33 -0.79 -49.81
N ILE A 112 -0.63 -0.41 -48.97
CA ILE A 112 -0.85 -1.09 -47.70
C ILE A 112 -2.01 -2.07 -47.86
N PRO A 113 -2.05 -3.16 -47.06
CA PRO A 113 -3.13 -4.15 -47.23
C PRO A 113 -4.51 -3.58 -46.96
N LYS A 114 -4.78 -3.21 -45.71
CA LYS A 114 -6.07 -2.67 -45.27
C LYS A 114 -5.89 -1.21 -44.87
N THR A 115 -6.89 -0.39 -45.19
CA THR A 115 -6.85 1.00 -44.77
C THR A 115 -6.89 1.10 -43.24
N THR A 116 -5.99 1.90 -42.68
CA THR A 116 -5.84 1.98 -41.24
C THR A 116 -5.70 3.42 -40.79
N SER A 117 -6.16 3.69 -39.57
CA SER A 117 -6.07 5.00 -38.95
C SER A 117 -5.42 4.88 -37.59
N PHE A 118 -4.71 5.93 -37.19
CA PHE A 118 -4.04 5.98 -35.90
C PHE A 118 -3.89 7.44 -35.50
N THR A 119 -3.42 7.66 -34.27
CA THR A 119 -3.41 8.99 -33.67
C THR A 119 -2.11 9.20 -32.91
N CYS A 120 -1.64 10.45 -32.93
CA CYS A 120 -0.51 10.88 -32.12
C CYS A 120 -0.90 12.17 -31.40
N ILE A 121 -0.40 12.33 -30.17
CA ILE A 121 -0.78 13.44 -29.32
C ILE A 121 0.40 14.39 -29.14
N CYS A 122 0.15 15.67 -29.37
CA CYS A 122 1.09 16.70 -28.98
C CYS A 122 0.58 17.36 -27.70
N LYS A 123 1.43 17.42 -26.68
CA LYS A 123 1.06 17.95 -25.38
C LYS A 123 1.92 19.17 -25.06
N LYS A 124 1.26 20.28 -24.74
CA LYS A 124 1.94 21.50 -24.29
C LYS A 124 1.23 21.97 -23.03
N ASP A 125 1.88 21.76 -21.88
CA ASP A 125 1.30 22.12 -20.58
C ASP A 125 -0.01 21.37 -20.36
N LYS A 126 -1.12 22.10 -20.29
CA LYS A 126 -2.44 21.51 -20.20
C LYS A 126 -3.13 21.42 -21.56
N LYS A 127 -2.53 21.99 -22.60
CA LYS A 127 -3.09 21.90 -23.94
C LYS A 127 -2.74 20.57 -24.58
N SER A 128 -3.61 20.10 -25.45
CA SER A 128 -3.47 18.78 -26.05
C SER A 128 -4.17 18.77 -27.41
N ALA A 129 -3.41 18.46 -28.45
CA ALA A 129 -3.94 18.37 -29.80
C ALA A 129 -3.58 17.01 -30.39
N TYR A 130 -4.50 16.45 -31.16
CA TYR A 130 -4.32 15.14 -31.76
C TYR A 130 -3.97 15.29 -33.23
N MET A 131 -3.02 14.47 -33.69
CA MET A 131 -2.82 14.25 -35.11
C MET A 131 -3.41 12.89 -35.43
N THR A 132 -4.48 12.89 -36.23
CA THR A 132 -5.14 11.66 -36.65
C THR A 132 -4.89 11.47 -38.13
N VAL A 133 -4.22 10.39 -38.50
CA VAL A 133 -3.92 10.11 -39.90
C VAL A 133 -4.76 8.91 -40.34
N THR A 134 -5.24 8.97 -41.58
CA THR A 134 -5.94 7.87 -42.22
C THR A 134 -5.26 7.58 -43.55
N ILE A 135 -4.91 6.32 -43.77
CA ILE A 135 -4.20 5.90 -44.98
C ILE A 135 -5.06 4.87 -45.68
N ASP A 136 -5.58 5.23 -46.85
CA ASP A 136 -6.47 4.35 -47.60
C ASP A 136 -5.69 3.22 -48.27
N SER A 137 -6.40 2.13 -48.53
CA SER A 137 -5.79 0.98 -49.18
C SER A 137 -5.66 1.19 -50.69
N ALA A 138 -6.76 1.51 -51.36
CA ALA A 138 -6.75 1.72 -52.80
C ALA A 138 -7.52 2.99 -53.15
N GLY A 139 -6.88 3.90 -53.87
CA GLY A 139 -7.49 5.14 -54.28
C GLY A 139 -7.33 5.41 -55.77
N GLU B 1 0.03 -5.85 -8.25
CA GLU B 1 0.21 -4.40 -8.14
C GLU B 1 1.52 -3.98 -8.77
N VAL B 2 1.71 -2.67 -8.90
CA VAL B 2 2.93 -2.12 -9.49
C VAL B 2 4.00 -2.04 -8.41
N GLN B 3 5.18 -2.58 -8.72
CA GLN B 3 6.32 -2.54 -7.82
C GLN B 3 7.53 -1.98 -8.56
N LEU B 4 8.30 -1.14 -7.87
CA LEU B 4 9.53 -0.57 -8.40
C LEU B 4 10.64 -0.86 -7.41
N VAL B 5 11.56 -1.74 -7.78
CA VAL B 5 12.64 -2.19 -6.91
C VAL B 5 13.96 -1.67 -7.48
N GLU B 6 14.68 -0.88 -6.69
CA GLU B 6 15.94 -0.29 -7.11
C GLU B 6 17.11 -1.09 -6.58
N SER B 7 18.24 -1.01 -7.30
CA SER B 7 19.45 -1.73 -6.93
C SER B 7 20.64 -0.81 -7.15
N GLY B 8 21.84 -1.38 -7.12
CA GLY B 8 23.04 -0.59 -7.30
C GLY B 8 23.31 0.34 -6.13
N GLY B 9 24.26 1.23 -6.35
CA GLY B 9 24.60 2.22 -5.35
C GLY B 9 25.58 1.70 -4.31
N GLY B 10 25.85 2.55 -3.32
CA GLY B 10 26.75 2.19 -2.24
C GLY B 10 27.68 3.31 -1.84
N LEU B 11 28.99 3.03 -1.82
CA LEU B 11 30.00 4.01 -1.44
C LEU B 11 31.03 4.09 -2.56
N LEU B 12 31.19 5.28 -3.15
CA LEU B 12 32.10 5.50 -4.27
C LEU B 12 32.98 6.71 -3.97
N GLN B 13 33.94 6.95 -4.86
CA GLN B 13 34.84 8.09 -4.80
C GLN B 13 34.61 9.00 -6.01
N PRO B 14 34.88 10.29 -5.88
CA PRO B 14 34.73 11.20 -7.03
C PRO B 14 35.56 10.76 -8.21
N GLY B 15 34.97 10.82 -9.40
CA GLY B 15 35.63 10.47 -10.63
C GLY B 15 35.35 9.06 -11.13
N ARG B 16 34.66 8.25 -10.34
CA ARG B 16 34.38 6.87 -10.71
C ARG B 16 33.07 6.79 -11.50
N SER B 17 32.57 5.58 -11.71
CA SER B 17 31.34 5.36 -12.44
C SER B 17 30.42 4.45 -11.65
N LEU B 18 29.13 4.80 -11.65
CA LEU B 18 28.10 3.99 -11.00
C LEU B 18 26.93 3.81 -11.95
N LYS B 19 26.21 2.71 -11.78
CA LYS B 19 25.02 2.42 -12.59
C LYS B 19 23.95 1.86 -11.68
N LEU B 20 22.86 2.61 -11.50
CA LEU B 20 21.75 2.15 -10.69
C LEU B 20 20.74 1.40 -11.55
N SER B 21 20.06 0.44 -10.93
CA SER B 21 19.04 -0.35 -11.59
C SER B 21 17.69 -0.13 -10.91
N CYS B 22 16.62 -0.22 -11.69
CA CYS B 22 15.27 -0.12 -11.17
C CYS B 22 14.40 -1.12 -11.92
N VAL B 23 14.10 -2.25 -11.29
CA VAL B 23 13.30 -3.30 -11.89
C VAL B 23 11.82 -2.98 -11.70
N ALA B 24 11.10 -2.82 -12.79
CA ALA B 24 9.68 -2.51 -12.76
C ALA B 24 8.85 -3.76 -13.05
N SER B 25 7.67 -3.83 -12.43
CA SER B 25 6.80 -4.98 -12.58
C SER B 25 5.38 -4.57 -12.26
N GLY B 26 4.43 -5.35 -12.78
CA GLY B 26 3.02 -5.10 -12.55
C GLY B 26 2.33 -4.20 -13.56
N PHE B 27 3.01 -3.85 -14.66
CA PHE B 27 2.41 -2.99 -15.67
C PHE B 27 3.17 -3.19 -16.98
N THR B 28 2.57 -2.70 -18.06
CA THR B 28 3.22 -2.76 -19.37
C THR B 28 4.36 -1.77 -19.41
N PHE B 29 5.59 -2.29 -19.47
CA PHE B 29 6.78 -1.46 -19.26
C PHE B 29 6.95 -0.43 -20.38
N ASN B 30 6.69 -0.82 -21.62
CA ASN B 30 6.96 0.05 -22.78
C ASN B 30 5.90 1.13 -22.99
N ASN B 31 5.06 1.42 -21.99
CA ASN B 31 3.96 2.36 -22.16
C ASN B 31 4.03 3.52 -21.17
N TYR B 32 5.16 3.73 -20.51
CA TYR B 32 5.24 4.73 -19.46
C TYR B 32 6.60 5.41 -19.44
N TRP B 33 6.58 6.73 -19.21
CA TRP B 33 7.79 7.46 -18.89
C TRP B 33 8.31 7.02 -17.52
N MET B 34 9.64 7.03 -17.37
CA MET B 34 10.29 6.73 -16.10
C MET B 34 11.26 7.85 -15.77
N SER B 35 11.43 8.12 -14.48
CA SER B 35 12.27 9.22 -14.03
C SER B 35 13.11 8.78 -12.84
N TRP B 36 14.13 9.60 -12.53
CA TRP B 36 14.95 9.44 -11.34
C TRP B 36 14.86 10.73 -10.52
N ILE B 37 14.46 10.60 -9.26
CA ILE B 37 14.35 11.72 -8.34
C ILE B 37 15.26 11.44 -7.15
N ARG B 38 16.04 12.43 -6.74
CA ARG B 38 16.94 12.28 -5.60
C ARG B 38 16.60 13.29 -4.51
N GLN B 39 17.01 12.96 -3.29
CA GLN B 39 16.88 13.86 -2.14
C GLN B 39 18.24 13.92 -1.44
N ALA B 40 18.89 15.07 -1.52
CA ALA B 40 20.14 15.26 -0.82
C ALA B 40 19.88 15.39 0.68
N PRO B 41 20.86 15.02 1.52
CA PRO B 41 20.67 15.17 2.96
C PRO B 41 20.39 16.62 3.34
N GLY B 42 19.33 16.81 4.12
CA GLY B 42 18.94 18.15 4.52
C GLY B 42 18.45 19.02 3.39
N LYS B 43 17.98 18.42 2.30
CA LYS B 43 17.50 19.17 1.14
C LYS B 43 16.21 18.56 0.63
N GLY B 44 15.55 19.30 -0.26
CA GLY B 44 14.31 18.85 -0.86
C GLY B 44 14.53 17.92 -2.04
N LEU B 45 13.43 17.54 -2.67
CA LEU B 45 13.49 16.65 -3.81
C LEU B 45 14.05 17.38 -5.03
N GLU B 46 14.82 16.66 -5.84
CA GLU B 46 15.41 17.23 -7.05
C GLU B 46 15.29 16.21 -8.17
N TRP B 47 14.79 16.66 -9.32
CA TRP B 47 14.66 15.80 -10.50
C TRP B 47 16.00 15.68 -11.22
N ILE B 48 16.25 14.49 -11.79
CA ILE B 48 17.55 14.14 -12.36
C ILE B 48 17.44 13.82 -13.84
N ALA B 49 16.47 13.02 -14.22
CA ALA B 49 16.38 12.55 -15.59
C ALA B 49 15.00 11.94 -15.82
N SER B 50 14.51 12.09 -17.05
CA SER B 50 13.28 11.43 -17.46
C SER B 50 13.48 10.86 -18.85
N ILE B 51 12.94 9.67 -19.07
CA ILE B 51 13.00 9.00 -20.36
C ILE B 51 11.59 8.57 -20.71
N SER B 52 11.28 8.61 -22.01
CA SER B 52 9.96 8.24 -22.48
C SER B 52 9.83 6.72 -22.54
N ASN B 53 8.74 6.24 -23.15
CA ASN B 53 8.44 4.81 -23.17
C ASN B 53 9.55 4.01 -23.84
N ILE B 54 9.96 4.42 -25.04
CA ILE B 54 11.01 3.74 -25.78
C ILE B 54 12.17 4.70 -25.97
N GLY B 55 12.34 5.64 -25.03
CA GLY B 55 13.46 6.55 -25.12
C GLY B 55 13.40 7.55 -26.25
N GLY B 56 12.21 7.78 -26.81
CA GLY B 56 12.06 8.79 -27.84
C GLY B 56 12.30 10.21 -27.35
N THR B 57 12.27 10.41 -26.03
CA THR B 57 12.51 11.72 -25.44
C THR B 57 13.26 11.54 -24.14
N ILE B 58 14.29 12.36 -23.93
CA ILE B 58 15.10 12.30 -22.72
C ILE B 58 15.34 13.72 -22.22
N TYR B 59 15.17 13.94 -20.92
CA TYR B 59 15.38 15.25 -20.32
C TYR B 59 16.38 15.14 -19.18
N TYR B 60 17.17 16.20 -19.01
CA TYR B 60 18.06 16.37 -17.87
C TYR B 60 18.04 17.84 -17.45
N PRO B 61 18.22 18.11 -16.17
CA PRO B 61 18.57 19.48 -15.75
C PRO B 61 20.05 19.73 -15.99
N ASP B 62 20.42 21.01 -15.91
CA ASP B 62 21.79 21.39 -16.25
C ASP B 62 22.82 20.91 -15.24
N SER B 63 22.39 20.37 -14.09
CA SER B 63 23.34 19.96 -13.07
C SER B 63 24.06 18.67 -13.47
N VAL B 64 23.31 17.67 -13.92
CA VAL B 64 23.88 16.37 -14.26
C VAL B 64 23.97 16.16 -15.77
N LYS B 65 23.70 17.20 -16.55
CA LYS B 65 23.75 17.08 -18.00
C LYS B 65 25.16 16.68 -18.45
N GLY B 66 25.25 15.60 -19.21
CA GLY B 66 26.52 15.08 -19.65
C GLY B 66 27.18 14.15 -18.66
N ARG B 67 26.87 14.30 -17.37
CA ARG B 67 27.48 13.42 -16.37
C ARG B 67 26.66 12.15 -16.18
N PHE B 68 25.34 12.26 -16.20
CA PHE B 68 24.46 11.12 -16.02
C PHE B 68 23.83 10.70 -17.35
N THR B 69 23.41 9.44 -17.40
CA THR B 69 22.80 8.85 -18.58
C THR B 69 21.68 7.91 -18.15
N ILE B 70 20.48 8.15 -18.68
CA ILE B 70 19.30 7.35 -18.33
C ILE B 70 18.89 6.53 -19.55
N SER B 71 18.56 5.26 -19.31
CA SER B 71 18.16 4.35 -20.37
C SER B 71 17.29 3.27 -19.75
N ARG B 72 16.74 2.40 -20.60
CA ARG B 72 15.83 1.36 -20.15
C ARG B 72 15.99 0.12 -21.01
N ASP B 73 15.49 -1.00 -20.49
CA ASP B 73 15.55 -2.30 -21.15
C ASP B 73 14.13 -2.84 -21.25
N SER B 74 13.66 -3.05 -22.49
CA SER B 74 12.28 -3.50 -22.70
C SER B 74 12.07 -4.91 -22.19
N ALA B 75 13.06 -5.79 -22.37
CA ALA B 75 12.87 -7.19 -22.03
C ALA B 75 13.09 -7.44 -20.54
N GLN B 76 14.07 -6.77 -19.95
CA GLN B 76 14.39 -6.94 -18.53
C GLN B 76 13.52 -6.09 -17.61
N ASN B 77 12.69 -5.21 -18.17
CA ASN B 77 11.79 -4.35 -17.39
C ASN B 77 12.56 -3.53 -16.36
N THR B 78 13.73 -3.04 -16.75
CA THR B 78 14.62 -2.36 -15.83
C THR B 78 14.99 -1.00 -16.36
N LEU B 79 14.95 0.01 -15.48
CA LEU B 79 15.39 1.36 -15.79
C LEU B 79 16.72 1.62 -15.08
N TYR B 80 17.63 2.30 -15.79
CA TYR B 80 18.98 2.52 -15.29
C TYR B 80 19.31 4.00 -15.32
N LEU B 81 20.27 4.38 -14.49
CA LEU B 81 20.80 5.75 -14.46
C LEU B 81 22.32 5.63 -14.34
N GLN B 82 23.00 5.65 -15.48
CA GLN B 82 24.45 5.58 -15.49
C GLN B 82 25.03 6.87 -14.92
N MET B 83 25.91 6.74 -13.92
CA MET B 83 26.55 7.88 -13.28
C MET B 83 28.05 7.79 -13.52
N ASN B 84 28.61 8.83 -14.15
CA ASN B 84 30.05 8.96 -14.33
C ASN B 84 30.49 10.32 -13.81
N SER B 85 31.77 10.40 -13.44
CA SER B 85 32.39 11.66 -13.05
C SER B 85 31.59 12.36 -11.95
N LEU B 86 31.39 11.64 -10.85
CA LEU B 86 30.46 12.07 -9.81
C LEU B 86 31.06 13.20 -8.99
N ARG B 87 30.32 13.64 -7.98
CA ARG B 87 30.76 14.66 -7.03
C ARG B 87 30.21 14.31 -5.65
N SER B 88 30.78 14.95 -4.63
CA SER B 88 30.21 14.83 -3.29
C SER B 88 28.80 15.39 -3.22
N GLU B 89 28.45 16.32 -4.10
CA GLU B 89 27.10 16.87 -4.13
C GLU B 89 26.09 15.82 -4.52
N ASP B 90 26.47 14.86 -5.36
CA ASP B 90 25.56 13.81 -5.80
C ASP B 90 25.22 12.81 -4.69
N THR B 91 25.84 12.92 -3.52
CA THR B 91 25.48 12.07 -2.40
C THR B 91 24.04 12.33 -1.99
N ALA B 92 23.13 11.42 -2.33
CA ALA B 92 21.71 11.62 -2.08
C ALA B 92 21.02 10.27 -2.09
N THR B 93 19.73 10.29 -1.72
CA THR B 93 18.88 9.12 -1.78
C THR B 93 18.16 9.14 -3.13
N TYR B 94 18.51 8.20 -4.00
CA TYR B 94 18.03 8.19 -5.38
C TYR B 94 16.79 7.33 -5.50
N TYR B 95 15.69 7.95 -5.96
CA TYR B 95 14.42 7.28 -6.13
C TYR B 95 14.13 7.05 -7.61
N CYS B 96 13.27 6.07 -7.87
CA CYS B 96 12.88 5.66 -9.21
C CYS B 96 11.36 5.71 -9.30
N THR B 97 10.84 6.37 -10.33
CA THR B 97 9.41 6.62 -10.44
C THR B 97 8.88 6.19 -11.80
N ARG B 98 7.61 5.79 -11.81
CA ARG B 98 6.84 5.68 -13.05
C ARG B 98 6.01 6.95 -13.21
N ASP B 99 5.97 7.46 -14.44
CA ASP B 99 5.35 8.74 -14.73
C ASP B 99 4.11 8.57 -15.58
N LEU B 100 3.19 9.51 -15.43
CA LEU B 100 2.04 9.65 -16.32
C LEU B 100 2.27 10.97 -17.06
N ARG B 101 2.92 10.88 -18.22
CA ARG B 101 3.33 12.09 -18.93
C ARG B 101 2.15 12.99 -19.25
N MET B 102 1.00 12.39 -19.59
CA MET B 102 -0.16 13.19 -19.96
C MET B 102 -0.68 14.01 -18.79
N SER B 103 -0.33 13.63 -17.55
CA SER B 103 -0.80 14.34 -16.38
C SER B 103 0.33 14.96 -15.56
N ASP B 104 1.58 14.75 -15.96
CA ASP B 104 2.74 15.42 -15.35
C ASP B 104 2.83 15.14 -13.85
N TYR B 105 2.76 13.86 -13.50
CA TYR B 105 3.03 13.48 -12.12
C TYR B 105 3.59 12.06 -12.06
N PHE B 106 4.15 11.72 -10.90
CA PHE B 106 4.73 10.42 -10.63
C PHE B 106 3.76 9.64 -9.75
N ASP B 107 3.16 8.59 -10.30
CA ASP B 107 2.15 7.83 -9.58
C ASP B 107 2.72 6.71 -8.73
N TYR B 108 3.91 6.20 -9.05
CA TYR B 108 4.52 5.14 -8.27
C TYR B 108 5.99 5.44 -8.04
N TRP B 109 6.45 5.23 -6.80
CA TRP B 109 7.82 5.53 -6.40
C TRP B 109 8.54 4.25 -6.00
N GLY B 110 9.86 4.25 -6.22
CA GLY B 110 10.68 3.14 -5.78
C GLY B 110 10.95 3.20 -4.28
N GLN B 111 11.61 2.15 -3.79
CA GLN B 111 11.91 2.07 -2.37
C GLN B 111 13.12 2.90 -1.96
N GLY B 112 13.83 3.51 -2.92
CA GLY B 112 14.93 4.39 -2.60
C GLY B 112 16.25 3.68 -2.38
N THR B 113 17.30 4.18 -3.02
CA THR B 113 18.66 3.66 -2.85
C THR B 113 19.56 4.80 -2.41
N MET B 114 20.62 4.46 -1.67
CA MET B 114 21.53 5.43 -1.09
C MET B 114 22.85 5.40 -1.82
N VAL B 115 23.29 6.56 -2.30
CA VAL B 115 24.58 6.72 -2.96
C VAL B 115 25.39 7.76 -2.17
N THR B 116 26.56 7.34 -1.70
CA THR B 116 27.44 8.22 -0.92
C THR B 116 28.77 8.35 -1.65
N VAL B 117 29.14 9.59 -1.95
CA VAL B 117 30.38 9.90 -2.66
C VAL B 117 31.22 10.80 -1.75
N SER B 118 32.45 10.36 -1.45
CA SER B 118 33.34 11.14 -0.59
C SER B 118 34.77 10.72 -0.87
N SER B 119 35.70 11.62 -0.56
CA SER B 119 37.12 11.36 -0.70
C SER B 119 37.85 11.27 0.63
N ALA B 120 37.23 11.69 1.73
CA ALA B 120 37.83 11.52 3.05
C ALA B 120 37.95 10.03 3.36
N SER B 121 39.17 9.60 3.65
CA SER B 121 39.41 8.19 3.91
C SER B 121 38.96 7.80 5.32
N THR B 122 39.02 6.51 5.60
CA THR B 122 38.55 5.98 6.88
C THR B 122 39.45 6.43 8.02
N LYS B 123 38.85 6.77 9.15
CA LYS B 123 39.60 7.25 10.30
C LYS B 123 38.76 7.01 11.56
N GLY B 124 39.38 6.37 12.56
CA GLY B 124 38.72 6.10 13.81
C GLY B 124 38.47 7.34 14.64
N PRO B 125 37.60 7.24 15.63
CA PRO B 125 37.26 8.41 16.44
C PRO B 125 38.14 8.59 17.67
N SER B 126 38.52 9.83 17.93
CA SER B 126 39.27 10.19 19.12
C SER B 126 38.26 10.48 20.24
N VAL B 127 38.28 9.65 21.28
CA VAL B 127 37.25 9.68 22.32
C VAL B 127 37.77 10.45 23.52
N PHE B 128 37.00 11.42 23.98
CA PHE B 128 37.34 12.30 25.08
C PHE B 128 36.23 12.27 26.13
N PRO B 129 36.58 12.20 27.41
CA PRO B 129 35.55 12.12 28.46
C PRO B 129 35.01 13.50 28.84
N LEU B 130 33.73 13.52 29.23
CA LEU B 130 33.04 14.74 29.63
C LEU B 130 32.72 14.66 31.12
N ALA B 131 33.45 15.42 31.93
CA ALA B 131 33.23 15.41 33.37
C ALA B 131 31.80 15.88 33.68
N PRO B 132 31.22 15.38 34.78
CA PRO B 132 29.81 15.69 35.06
C PRO B 132 29.58 17.16 35.39
N SER B 133 28.36 17.61 35.09
CA SER B 133 27.91 18.94 35.44
C SER B 133 26.47 18.86 35.92
N SER B 134 26.03 19.90 36.62
CA SER B 134 24.71 19.88 37.23
C SER B 134 23.61 20.01 36.18
N LYS B 135 22.40 19.61 36.57
CA LYS B 135 21.21 19.77 35.73
C LYS B 135 20.08 20.41 36.53
N GLY B 139 20.00 21.82 41.86
CA GLY B 139 20.81 20.70 41.42
C GLY B 139 20.22 19.35 41.76
N GLY B 140 21.08 18.38 42.05
CA GLY B 140 20.68 17.04 42.39
C GLY B 140 20.82 16.04 41.26
N THR B 141 20.83 16.50 40.01
CA THR B 141 20.99 15.64 38.85
C THR B 141 22.22 16.08 38.07
N ALA B 142 23.06 15.11 37.71
CA ALA B 142 24.31 15.37 37.02
C ALA B 142 24.28 14.73 35.64
N ALA B 143 24.77 15.47 34.64
CA ALA B 143 24.83 15.00 33.26
C ALA B 143 26.29 14.82 32.88
N LEU B 144 26.68 13.58 32.56
CA LEU B 144 28.04 13.26 32.17
C LEU B 144 28.01 12.44 30.88
N GLY B 145 29.05 12.57 30.08
CA GLY B 145 29.13 11.85 28.84
C GLY B 145 30.56 11.66 28.37
N CYS B 146 30.70 11.35 27.09
CA CYS B 146 32.01 11.20 26.47
C CYS B 146 31.90 11.64 25.01
N LEU B 147 32.98 12.23 24.51
CA LEU B 147 32.96 12.84 23.19
C LEU B 147 33.50 11.90 22.12
N VAL B 148 32.99 12.07 20.90
CA VAL B 148 33.41 11.31 19.73
C VAL B 148 33.71 12.33 18.62
N LYS B 149 34.95 12.34 18.14
CA LYS B 149 35.42 13.41 17.27
C LYS B 149 36.17 12.87 16.07
N ASP B 150 35.97 13.54 14.92
CA ASP B 150 36.87 13.44 13.76
C ASP B 150 37.00 12.01 13.25
N TYR B 151 35.86 11.37 13.01
CA TYR B 151 35.85 10.02 12.46
C TYR B 151 35.14 10.00 11.12
N PHE B 152 35.39 8.93 10.36
CA PHE B 152 34.75 8.73 9.07
C PHE B 152 34.84 7.27 8.66
N PRO B 153 33.73 6.67 8.19
CA PRO B 153 32.41 7.27 8.12
C PRO B 153 31.45 6.77 9.21
N GLU B 154 30.17 7.07 9.06
CA GLU B 154 29.15 6.56 9.96
C GLU B 154 28.96 5.06 9.75
N PRO B 155 28.40 4.35 10.74
CA PRO B 155 27.93 4.81 12.05
C PRO B 155 28.90 4.54 13.20
N VAL B 156 28.65 5.18 14.34
CA VAL B 156 29.36 4.94 15.58
C VAL B 156 28.34 4.61 16.65
N THR B 157 28.52 3.48 17.32
CA THR B 157 27.63 3.04 18.38
C THR B 157 28.32 3.22 19.73
N VAL B 158 27.58 3.74 20.70
CA VAL B 158 28.11 3.99 22.04
C VAL B 158 27.20 3.31 23.06
N SER B 159 27.80 2.49 23.90
CA SER B 159 27.10 1.86 25.02
C SER B 159 27.77 2.27 26.32
N TRP B 160 26.96 2.37 27.38
CA TRP B 160 27.44 2.77 28.69
C TRP B 160 27.47 1.56 29.62
N ASN B 161 28.63 1.33 30.23
CA ASN B 161 28.84 0.23 31.17
C ASN B 161 28.55 -1.13 30.53
N SER B 162 28.90 -1.25 29.26
CA SER B 162 28.75 -2.51 28.50
C SER B 162 27.30 -2.99 28.50
N GLY B 163 26.36 -2.04 28.36
CA GLY B 163 24.95 -2.35 28.34
C GLY B 163 24.28 -2.38 29.70
N ALA B 164 25.06 -2.39 30.79
CA ALA B 164 24.45 -2.44 32.11
C ALA B 164 23.83 -1.11 32.51
N LEU B 165 24.24 0.00 31.89
CA LEU B 165 23.70 1.32 32.17
C LEU B 165 22.83 1.75 31.00
N THR B 166 21.51 1.66 31.18
CA THR B 166 20.56 2.11 30.18
C THR B 166 19.70 3.28 30.64
N SER B 167 19.52 3.46 31.95
CA SER B 167 18.64 4.51 32.46
C SER B 167 19.19 5.89 32.12
N GLY B 168 18.41 6.67 31.38
CA GLY B 168 18.78 8.03 31.08
C GLY B 168 19.94 8.20 30.13
N VAL B 169 20.09 7.28 29.18
CA VAL B 169 21.16 7.34 28.19
C VAL B 169 20.59 7.89 26.89
N HIS B 170 21.19 8.95 26.38
CA HIS B 170 20.74 9.61 25.16
C HIS B 170 21.94 9.92 24.29
N THR B 171 22.10 9.17 23.20
CA THR B 171 23.19 9.40 22.26
C THR B 171 22.72 10.35 21.18
N PHE B 172 23.39 11.49 21.07
CA PHE B 172 22.98 12.53 20.14
C PHE B 172 23.44 12.20 18.72
N PRO B 173 22.59 12.47 17.72
CA PRO B 173 23.01 12.23 16.33
C PRO B 173 24.23 13.06 15.97
N ALA B 174 25.10 12.48 15.15
CA ALA B 174 26.37 13.10 14.83
C ALA B 174 26.18 14.33 13.94
N VAL B 175 27.20 15.18 13.95
CA VAL B 175 27.26 16.34 13.07
C VAL B 175 28.34 16.09 12.02
N LEU B 176 28.15 16.67 10.85
CA LEU B 176 29.09 16.53 9.76
C LEU B 176 30.01 17.74 9.71
N GLN B 177 31.29 17.52 9.95
CA GLN B 177 32.28 18.57 9.81
C GLN B 177 32.62 18.77 8.33
N SER B 178 33.19 19.94 8.04
CA SER B 178 33.44 20.35 6.66
C SER B 178 34.35 19.39 5.92
N SER B 179 35.39 18.90 6.60
CA SER B 179 36.33 17.98 5.95
C SER B 179 35.63 16.73 5.45
N GLY B 180 34.58 16.31 6.15
CA GLY B 180 33.88 15.08 5.83
C GLY B 180 33.74 14.23 7.07
N LEU B 181 34.65 14.43 8.02
CA LEU B 181 34.61 13.68 9.27
C LEU B 181 33.35 14.03 10.05
N TYR B 182 33.10 13.26 11.10
CA TYR B 182 31.90 13.39 11.91
C TYR B 182 32.26 13.67 13.36
N SER B 183 31.23 13.91 14.16
CA SER B 183 31.35 14.14 15.61
C SER B 183 30.00 14.02 16.29
N LEU B 184 29.92 13.18 17.33
CA LEU B 184 28.69 13.01 18.10
C LEU B 184 29.02 13.02 19.58
N SER B 185 27.98 12.96 20.41
CA SER B 185 28.13 12.95 21.86
C SER B 185 27.07 12.05 22.46
N SER B 186 27.48 11.25 23.44
CA SER B 186 26.57 10.34 24.15
C SER B 186 26.61 10.70 25.63
N VAL B 187 25.51 11.22 26.15
CA VAL B 187 25.43 11.69 27.52
C VAL B 187 24.47 10.79 28.29
N VAL B 188 24.76 10.63 29.58
CA VAL B 188 23.92 9.85 30.49
C VAL B 188 23.66 10.67 31.73
N THR B 189 22.39 10.74 32.14
CA THR B 189 21.99 11.45 33.35
C THR B 189 21.84 10.45 34.49
N VAL B 190 22.52 10.72 35.60
CA VAL B 190 22.54 9.82 36.75
C VAL B 190 22.34 10.63 38.02
N PRO B 191 21.90 9.98 39.10
CA PRO B 191 21.82 10.67 40.39
C PRO B 191 23.18 11.21 40.81
N SER B 192 23.20 12.49 41.20
CA SER B 192 24.46 13.16 41.51
C SER B 192 25.11 12.65 42.79
N SER B 193 24.46 11.75 43.52
CA SER B 193 25.05 11.20 44.74
C SER B 193 26.03 10.07 44.47
N SER B 194 25.95 9.44 43.29
CA SER B 194 26.77 8.28 42.96
C SER B 194 28.01 8.64 42.15
N LEU B 195 28.39 9.92 42.11
CA LEU B 195 29.58 10.31 41.38
C LEU B 195 30.87 9.83 42.05
N GLY B 196 30.83 9.60 43.36
CA GLY B 196 31.99 9.12 44.09
C GLY B 196 31.98 7.64 44.41
N THR B 197 31.02 6.88 43.88
CA THR B 197 30.94 5.45 44.14
C THR B 197 30.72 4.60 42.90
N GLN B 198 30.47 5.19 41.74
CA GLN B 198 30.18 4.45 40.52
C GLN B 198 31.26 4.71 39.48
N THR B 199 31.58 3.66 38.71
CA THR B 199 32.55 3.74 37.64
C THR B 199 31.79 3.79 36.32
N TYR B 200 31.79 4.96 35.68
CA TYR B 200 31.09 5.16 34.41
C TYR B 200 32.10 5.10 33.27
N ILE B 201 31.84 4.22 32.30
CA ILE B 201 32.72 4.00 31.16
C ILE B 201 31.86 3.83 29.92
N CYS B 202 32.01 4.74 28.96
CA CYS B 202 31.32 4.62 27.68
C CYS B 202 32.17 3.79 26.72
N ASN B 203 31.51 2.94 25.95
CA ASN B 203 32.17 2.04 25.00
C ASN B 203 31.87 2.51 23.59
N VAL B 204 32.86 3.13 22.95
CA VAL B 204 32.70 3.66 21.60
C VAL B 204 33.16 2.59 20.60
N ASN B 205 32.30 2.28 19.63
CA ASN B 205 32.58 1.27 18.63
C ASN B 205 32.48 1.91 17.24
N HIS B 206 33.52 1.71 16.43
CA HIS B 206 33.56 2.23 15.06
C HIS B 206 34.04 1.10 14.16
N LYS B 207 33.09 0.33 13.63
CA LYS B 207 33.38 -0.82 12.78
C LYS B 207 33.98 -0.45 11.42
N PRO B 208 33.56 0.65 10.78
CA PRO B 208 34.22 1.04 9.51
C PRO B 208 35.74 1.10 9.58
N SER B 209 36.30 1.51 10.71
CA SER B 209 37.75 1.52 10.91
C SER B 209 38.21 0.45 11.89
N ASN B 210 37.28 -0.32 12.47
CA ASN B 210 37.59 -1.33 13.48
C ASN B 210 38.37 -0.72 14.63
N THR B 211 37.82 0.34 15.20
CA THR B 211 38.42 1.07 16.31
C THR B 211 37.48 1.03 17.50
N LYS B 212 37.91 0.39 18.58
CA LYS B 212 37.16 0.34 19.83
C LYS B 212 37.92 1.14 20.88
N VAL B 213 37.21 2.05 21.55
CA VAL B 213 37.78 2.90 22.59
C VAL B 213 36.88 2.88 23.80
N ASP B 214 37.45 2.62 24.97
CA ASP B 214 36.75 2.70 26.24
C ASP B 214 37.33 3.87 27.03
N LYS B 215 36.49 4.85 27.36
CA LYS B 215 36.92 6.03 28.08
C LYS B 215 36.13 6.16 29.38
N LYS B 216 36.84 6.07 30.50
CA LYS B 216 36.24 6.27 31.81
C LYS B 216 36.06 7.76 32.08
N VAL B 217 34.94 8.11 32.70
CA VAL B 217 34.59 9.49 32.97
C VAL B 217 34.61 9.70 34.49
N GLU B 218 35.43 10.63 34.94
CA GLU B 218 35.59 10.95 36.35
C GLU B 218 35.22 12.39 36.63
N PRO B 219 34.81 12.71 37.85
CA PRO B 219 34.53 14.11 38.20
C PRO B 219 35.81 14.93 38.28
N LYS B 220 35.62 16.25 38.34
CA LYS B 220 36.74 17.17 38.48
C LYS B 220 36.65 17.95 39.80
N GLN C 1 12.29 28.17 -16.05
CA GLN C 1 10.96 28.51 -16.55
C GLN C 1 10.14 29.17 -15.45
N PHE C 2 10.18 28.60 -14.25
CA PHE C 2 9.61 29.19 -13.04
C PHE C 2 10.15 28.44 -11.85
N VAL C 3 9.76 28.88 -10.66
CA VAL C 3 10.17 28.26 -9.40
C VAL C 3 8.95 28.19 -8.50
N LEU C 4 8.75 27.04 -7.86
CA LEU C 4 7.69 26.86 -6.89
C LEU C 4 8.24 27.12 -5.50
N SER C 5 7.52 27.92 -4.71
CA SER C 5 7.98 28.35 -3.40
C SER C 5 7.02 27.84 -2.33
N GLN C 6 7.57 27.20 -1.31
CA GLN C 6 6.81 26.68 -0.18
C GLN C 6 7.38 27.22 1.12
N PRO C 7 6.55 27.34 2.16
CA PRO C 7 7.09 27.69 3.48
C PRO C 7 8.00 26.59 3.98
N ASN C 8 9.05 27.01 4.69
CA ASN C 8 10.06 26.06 5.17
C ASN C 8 9.43 25.03 6.12
N SER C 9 8.61 25.50 7.05
CA SER C 9 7.97 24.60 8.01
C SER C 9 6.77 25.31 8.63
N VAL C 10 5.73 24.53 8.92
CA VAL C 10 4.53 25.02 9.59
C VAL C 10 4.18 24.04 10.71
N SER C 11 3.25 24.45 11.56
CA SER C 11 2.80 23.60 12.66
C SER C 11 1.36 23.93 13.03
N THR C 12 0.56 22.88 13.23
CA THR C 12 -0.80 23.01 13.73
C THR C 12 -1.02 21.93 14.79
N ASN C 13 -2.26 21.80 15.26
CA ASN C 13 -2.63 20.85 16.30
C ASN C 13 -3.51 19.75 15.73
N LEU C 14 -3.84 18.78 16.58
CA LEU C 14 -4.71 17.68 16.18
C LEU C 14 -6.12 18.21 15.88
N GLY C 15 -6.76 17.60 14.88
CA GLY C 15 -8.12 17.94 14.53
C GLY C 15 -8.31 19.32 13.93
N SER C 16 -7.24 20.07 13.71
CA SER C 16 -7.34 21.42 13.17
C SER C 16 -7.29 21.34 11.64
N THR C 17 -7.05 22.47 10.98
CA THR C 17 -7.01 22.53 9.53
C THR C 17 -5.81 23.36 9.10
N VAL C 18 -4.98 22.80 8.21
CA VAL C 18 -3.78 23.46 7.73
C VAL C 18 -3.83 23.52 6.21
N LYS C 19 -3.29 24.60 5.66
CA LYS C 19 -3.21 24.81 4.21
C LYS C 19 -1.76 25.08 3.85
N LEU C 20 -1.17 24.22 3.03
CA LEU C 20 0.22 24.36 2.61
C LEU C 20 0.25 25.03 1.24
N LEU C 21 0.97 26.13 1.14
CA LEU C 21 0.97 26.87 -0.11
C LEU C 21 2.14 26.48 -0.99
N CYS C 22 1.98 26.75 -2.29
CA CYS C 22 2.98 26.45 -3.31
C CYS C 22 2.89 27.56 -4.36
N LYS C 23 3.65 28.63 -4.15
CA LYS C 23 3.56 29.82 -4.98
C LYS C 23 4.47 29.69 -6.19
N ARG C 24 3.90 29.84 -7.38
CA ARG C 24 4.68 29.85 -8.61
C ARG C 24 5.21 31.27 -8.86
N SER C 25 6.49 31.35 -9.20
CA SER C 25 7.16 32.64 -9.38
C SER C 25 6.67 33.35 -10.63
N THR C 26 6.96 32.80 -11.81
CA THR C 26 6.57 33.39 -13.07
C THR C 26 5.52 32.51 -13.76
N GLY C 27 4.56 33.15 -14.41
CA GLY C 27 3.50 32.45 -15.11
C GLY C 27 2.29 32.21 -14.24
N ASN C 28 1.30 31.58 -14.85
CA ASN C 28 0.05 31.25 -14.18
C ASN C 28 0.14 29.88 -13.52
N ILE C 29 -0.42 29.78 -12.31
CA ILE C 29 -0.43 28.51 -11.61
C ILE C 29 -1.35 27.50 -12.30
N GLY C 30 -2.34 27.98 -13.05
CA GLY C 30 -3.28 27.09 -13.72
C GLY C 30 -2.85 26.62 -15.09
N SER C 31 -1.75 27.17 -15.62
CA SER C 31 -1.28 26.74 -16.93
C SER C 31 -0.73 25.32 -16.90
N ASN C 32 -0.21 24.88 -15.76
CA ASN C 32 0.39 23.56 -15.64
C ASN C 32 -0.20 22.81 -14.46
N TYR C 33 -0.40 21.51 -14.61
CA TYR C 33 -0.92 20.70 -13.52
C TYR C 33 0.02 20.73 -12.32
N VAL C 34 -0.55 20.58 -11.13
CA VAL C 34 0.21 20.57 -9.89
C VAL C 34 -0.03 19.24 -9.18
N SER C 35 1.03 18.67 -8.62
CA SER C 35 0.95 17.43 -7.86
C SER C 35 1.61 17.61 -6.49
N TRP C 36 1.13 16.83 -5.53
CA TRP C 36 1.59 16.93 -4.14
C TRP C 36 2.07 15.57 -3.66
N TYR C 37 3.18 15.57 -2.92
CA TYR C 37 3.84 14.34 -2.49
C TYR C 37 4.17 14.42 -1.01
N GLN C 38 3.76 13.40 -0.27
CA GLN C 38 4.08 13.28 1.15
C GLN C 38 5.34 12.44 1.30
N HIS C 39 6.29 12.94 2.09
CA HIS C 39 7.57 12.26 2.29
C HIS C 39 7.85 12.13 3.78
N HIS C 40 7.86 10.89 4.26
CA HIS C 40 8.33 10.60 5.61
C HIS C 40 9.82 10.28 5.58
N GLU C 41 10.47 10.48 6.73
CA GLU C 41 11.90 10.24 6.82
C GLU C 41 12.20 8.75 6.67
N GLY C 42 13.21 8.43 5.89
CA GLY C 42 13.57 7.04 5.64
C GLY C 42 12.48 6.23 4.97
N ARG C 43 11.65 6.88 4.15
CA ARG C 43 10.52 6.23 3.50
C ARG C 43 10.34 6.82 2.11
N SER C 44 9.73 6.04 1.23
CA SER C 44 9.50 6.51 -0.13
C SER C 44 8.41 7.58 -0.14
N PRO C 45 8.54 8.60 -0.99
CA PRO C 45 7.44 9.56 -1.13
C PRO C 45 6.22 8.89 -1.76
N THR C 46 5.05 9.35 -1.35
CA THR C 46 3.78 8.85 -1.87
C THR C 46 2.98 10.00 -2.46
N THR C 47 2.33 9.73 -3.59
CA THR C 47 1.55 10.75 -4.27
C THR C 47 0.28 11.04 -3.49
N MET C 48 0.05 12.32 -3.17
CA MET C 48 -1.10 12.73 -2.39
C MET C 48 -2.18 13.40 -3.23
N ILE C 49 -1.80 14.23 -4.19
CA ILE C 49 -2.73 14.93 -5.06
C ILE C 49 -2.13 14.96 -6.46
N TYR C 50 -2.97 14.69 -7.47
CA TYR C 50 -2.54 14.78 -8.85
C TYR C 50 -3.53 15.63 -9.64
N ARG C 51 -3.09 16.01 -10.84
CA ARG C 51 -3.60 17.15 -11.61
C ARG C 51 -4.54 18.07 -10.84
N ASP C 52 -3.94 18.89 -9.97
CA ASP C 52 -4.55 20.00 -9.26
C ASP C 52 -5.40 19.57 -8.09
N ASP C 53 -6.46 18.78 -8.34
CA ASP C 53 -7.37 18.43 -7.25
C ASP C 53 -7.69 16.95 -7.15
N GLN C 54 -7.06 16.08 -7.94
CA GLN C 54 -7.41 14.67 -7.91
C GLN C 54 -6.61 13.94 -6.84
N ARG C 55 -7.26 12.98 -6.19
CA ARG C 55 -6.69 12.27 -5.05
C ARG C 55 -6.64 10.78 -5.34
N PRO C 56 -5.46 10.16 -5.41
CA PRO C 56 -5.39 8.73 -5.76
C PRO C 56 -6.07 7.87 -4.71
N ASP C 57 -6.41 6.64 -5.12
CA ASP C 57 -6.98 5.68 -4.19
C ASP C 57 -6.02 5.44 -3.03
N GLY C 58 -6.57 5.34 -1.83
CA GLY C 58 -5.78 5.15 -0.63
C GLY C 58 -5.41 6.42 0.11
N VAL C 59 -5.62 7.58 -0.49
CA VAL C 59 -5.34 8.86 0.17
C VAL C 59 -6.60 9.31 0.90
N PRO C 60 -6.52 9.66 2.18
CA PRO C 60 -7.73 9.99 2.94
C PRO C 60 -8.45 11.21 2.38
N ASP C 61 -9.77 11.23 2.58
CA ASP C 61 -10.59 12.37 2.22
C ASP C 61 -10.14 13.66 2.91
N ARG C 62 -9.32 13.54 3.96
CA ARG C 62 -8.78 14.72 4.64
C ARG C 62 -8.04 15.62 3.67
N PHE C 63 -7.12 15.06 2.89
CA PHE C 63 -6.32 15.85 1.97
C PHE C 63 -7.15 16.28 0.77
N SER C 64 -7.00 17.54 0.37
CA SER C 64 -7.63 18.07 -0.83
C SER C 64 -6.69 19.08 -1.47
N GLY C 65 -6.67 19.10 -2.79
CA GLY C 65 -5.86 20.04 -3.55
C GLY C 65 -6.72 21.14 -4.14
N SER C 66 -6.16 22.35 -4.19
CA SER C 66 -6.90 23.51 -4.66
C SER C 66 -5.95 24.45 -5.37
N ILE C 67 -6.52 25.27 -6.26
CA ILE C 67 -5.76 26.24 -7.03
C ILE C 67 -6.34 27.62 -6.72
N ASP C 68 -5.52 28.49 -6.17
CA ASP C 68 -5.90 29.86 -5.83
C ASP C 68 -5.25 30.78 -6.85
N ARG C 69 -6.04 31.20 -7.85
CA ARG C 69 -5.51 32.01 -8.94
C ARG C 69 -5.17 33.44 -8.51
N SER C 70 -5.77 33.92 -7.41
CA SER C 70 -5.48 35.28 -6.98
C SER C 70 -4.07 35.39 -6.43
N SER C 71 -3.62 34.38 -5.69
CA SER C 71 -2.26 34.35 -5.16
C SER C 71 -1.30 33.58 -6.05
N ASN C 72 -1.78 33.03 -7.16
CA ASN C 72 -0.94 32.29 -8.12
C ASN C 72 -0.23 31.14 -7.43
N SER C 73 -0.94 30.41 -6.58
CA SER C 73 -0.35 29.37 -5.77
C SER C 73 -1.34 28.22 -5.61
N ALA C 74 -0.79 27.03 -5.35
CA ALA C 74 -1.58 25.84 -5.08
C ALA C 74 -1.58 25.55 -3.59
N LEU C 75 -2.66 24.94 -3.11
CA LEU C 75 -2.83 24.69 -1.68
C LEU C 75 -3.17 23.24 -1.44
N LEU C 76 -2.43 22.62 -0.52
CA LEU C 76 -2.75 21.29 0.00
C LEU C 76 -3.42 21.48 1.36
N THR C 77 -4.71 21.18 1.44
CA THR C 77 -5.50 21.40 2.64
C THR C 77 -5.69 20.08 3.38
N ILE C 78 -5.39 20.08 4.67
CA ILE C 78 -5.51 18.90 5.52
C ILE C 78 -6.42 19.26 6.68
N ASP C 79 -7.69 18.85 6.59
CA ASP C 79 -8.60 18.98 7.70
C ASP C 79 -8.34 17.89 8.73
N ASN C 80 -8.88 18.10 9.93
CA ASN C 80 -8.76 17.16 11.05
C ASN C 80 -7.37 16.53 11.12
N VAL C 81 -6.39 17.41 11.37
CA VAL C 81 -4.99 17.01 11.29
C VAL C 81 -4.69 15.88 12.26
N GLN C 82 -3.98 14.87 11.76
CA GLN C 82 -3.54 13.73 12.55
C GLN C 82 -2.02 13.76 12.70
N THR C 83 -1.53 13.10 13.75
CA THR C 83 -0.09 13.05 13.97
C THR C 83 0.62 12.29 12.86
N GLU C 84 -0.07 11.34 12.22
CA GLU C 84 0.49 10.63 11.08
C GLU C 84 0.70 11.54 9.88
N ASP C 85 0.07 12.71 9.86
CA ASP C 85 0.28 13.67 8.78
C ASP C 85 1.63 14.35 8.89
N GLU C 86 2.28 14.29 10.06
CA GLU C 86 3.55 14.97 10.26
C GLU C 86 4.63 14.38 9.36
N ALA C 87 4.95 15.10 8.29
CA ALA C 87 5.98 14.69 7.34
C ALA C 87 6.37 15.92 6.52
N ALA C 88 7.11 15.68 5.43
CA ALA C 88 7.42 16.72 4.48
C ALA C 88 6.46 16.63 3.31
N TYR C 89 6.05 17.79 2.78
CA TYR C 89 5.11 17.86 1.66
C TYR C 89 5.76 18.68 0.55
N PHE C 90 5.80 18.10 -0.65
CA PHE C 90 6.38 18.74 -1.82
C PHE C 90 5.32 18.91 -2.89
N CYS C 91 5.30 20.09 -3.51
CA CYS C 91 4.48 20.30 -4.70
C CYS C 91 5.34 20.14 -5.94
N HIS C 92 4.66 19.90 -7.06
CA HIS C 92 5.36 19.65 -8.31
C HIS C 92 4.56 20.21 -9.47
N SER C 93 5.28 20.63 -10.51
CA SER C 93 4.69 21.07 -11.75
C SER C 93 5.74 20.92 -12.84
N TYR C 94 5.28 20.71 -14.07
CA TYR C 94 6.16 20.41 -15.18
C TYR C 94 5.96 21.42 -16.30
N SER C 95 7.05 22.05 -16.73
CA SER C 95 7.11 22.76 -17.99
C SER C 95 7.98 21.95 -18.94
N THR C 96 7.74 22.11 -20.24
CA THR C 96 8.36 21.26 -21.25
C THR C 96 9.89 21.25 -21.12
N GLY C 97 10.44 20.12 -20.68
CA GLY C 97 11.86 19.92 -20.57
C GLY C 97 12.41 19.95 -19.16
N MET C 98 11.65 20.46 -18.18
CA MET C 98 12.15 20.57 -16.83
C MET C 98 11.05 20.26 -15.82
N TYR C 99 11.41 19.52 -14.78
CA TYR C 99 10.50 19.13 -13.71
C TYR C 99 10.80 19.98 -12.48
N ILE C 100 9.82 20.75 -12.03
CA ILE C 100 10.02 21.72 -10.95
C ILE C 100 9.43 21.14 -9.68
N PHE C 101 10.25 21.13 -8.62
CA PHE C 101 9.82 20.80 -7.28
C PHE C 101 9.92 22.03 -6.40
N GLY C 102 8.98 22.19 -5.48
CA GLY C 102 9.10 23.22 -4.48
C GLY C 102 10.14 22.83 -3.44
N GLY C 103 10.44 23.77 -2.54
CA GLY C 103 11.39 23.50 -1.49
C GLY C 103 10.91 22.48 -0.47
N GLY C 104 9.60 22.30 -0.35
CA GLY C 104 9.05 21.37 0.62
C GLY C 104 8.73 22.02 1.95
N THR C 105 7.58 21.66 2.53
CA THR C 105 7.15 22.18 3.82
C THR C 105 7.13 21.04 4.83
N LYS C 106 7.96 21.16 5.86
CA LYS C 106 8.01 20.15 6.92
C LYS C 106 6.87 20.43 7.89
N LEU C 107 5.77 19.68 7.74
CA LEU C 107 4.63 19.86 8.62
C LEU C 107 4.92 19.31 10.01
N THR C 108 4.43 20.01 11.03
CA THR C 108 4.60 19.61 12.41
C THR C 108 3.23 19.59 13.08
N VAL C 109 2.85 18.44 13.62
CA VAL C 109 1.59 18.29 14.32
C VAL C 109 1.90 18.43 15.82
N LEU C 110 1.57 19.58 16.38
CA LEU C 110 1.81 19.85 17.80
C LEU C 110 1.04 18.85 18.65
N GLY C 111 1.73 17.82 19.14
CA GLY C 111 1.10 16.73 19.86
C GLY C 111 1.33 16.68 21.35
N GLN C 112 1.96 17.69 21.94
CA GLN C 112 2.20 17.72 23.38
C GLN C 112 2.44 19.16 23.78
N PRO C 113 2.24 19.50 25.06
CA PRO C 113 2.50 20.87 25.51
C PRO C 113 3.91 21.33 25.19
N LYS C 114 4.05 22.64 24.98
CA LYS C 114 5.34 23.21 24.61
C LYS C 114 6.34 23.02 25.75
N ALA C 115 7.53 22.54 25.40
CA ALA C 115 8.57 22.24 26.37
C ALA C 115 9.78 23.13 26.16
N ALA C 116 10.32 23.67 27.26
CA ALA C 116 11.51 24.51 27.22
C ALA C 116 12.76 23.66 27.13
N PRO C 117 13.78 24.10 26.39
CA PRO C 117 14.96 23.25 26.17
C PRO C 117 15.83 23.13 27.42
N SER C 118 16.31 21.92 27.66
CA SER C 118 17.29 21.66 28.73
C SER C 118 18.67 21.82 28.12
N VAL C 119 19.41 22.83 28.57
CA VAL C 119 20.69 23.21 27.98
C VAL C 119 21.80 22.85 28.96
N THR C 120 22.71 22.00 28.51
CA THR C 120 23.87 21.60 29.30
C THR C 120 25.14 21.88 28.49
N LEU C 121 26.06 22.62 29.11
CA LEU C 121 27.29 23.05 28.45
C LEU C 121 28.49 22.49 29.19
N PHE C 122 29.36 21.79 28.46
CA PHE C 122 30.58 21.16 28.93
C PHE C 122 31.80 21.97 28.49
N PRO C 123 32.82 22.09 29.35
CA PRO C 123 34.07 22.72 28.93
C PRO C 123 34.95 21.71 28.21
N PRO C 124 35.99 22.17 27.51
CA PRO C 124 36.97 21.24 26.96
C PRO C 124 37.56 20.37 28.06
N SER C 125 37.52 19.06 27.86
CA SER C 125 37.99 18.13 28.86
C SER C 125 39.46 18.37 29.17
N SER C 126 39.91 17.82 30.29
CA SER C 126 41.33 17.83 30.60
C SER C 126 42.13 17.22 29.46
N GLU C 127 41.72 16.03 29.00
CA GLU C 127 42.43 15.36 27.91
C GLU C 127 42.27 16.09 26.58
N GLU C 128 41.18 16.84 26.40
CA GLU C 128 40.97 17.58 25.17
C GLU C 128 42.11 18.57 24.93
N LEU C 129 42.39 19.41 25.94
CA LEU C 129 43.34 20.51 25.76
C LEU C 129 44.77 20.01 25.57
N GLN C 130 45.13 18.87 26.17
CA GLN C 130 46.50 18.39 26.07
C GLN C 130 46.85 17.95 24.67
N ALA C 131 45.87 17.51 23.88
CA ALA C 131 46.07 17.19 22.48
C ALA C 131 45.97 18.41 21.57
N ASN C 132 46.03 19.61 22.15
CA ASN C 132 45.94 20.87 21.42
C ASN C 132 44.61 20.99 20.66
N LYS C 133 43.57 20.38 21.20
CA LYS C 133 42.22 20.46 20.65
C LYS C 133 41.29 21.04 21.70
N ALA C 134 40.37 21.89 21.27
CA ALA C 134 39.39 22.49 22.17
C ALA C 134 38.01 22.41 21.53
N THR C 135 37.03 21.92 22.29
CA THR C 135 35.68 21.73 21.76
C THR C 135 34.68 22.02 22.87
N LEU C 136 33.76 22.94 22.61
CA LEU C 136 32.68 23.27 23.52
C LEU C 136 31.40 22.60 23.04
N VAL C 137 30.79 21.79 23.91
CA VAL C 137 29.64 20.97 23.57
C VAL C 137 28.43 21.50 24.33
N CYS C 138 27.39 21.86 23.59
CA CYS C 138 26.15 22.39 24.16
C CYS C 138 25.03 21.43 23.77
N LEU C 139 24.66 20.54 24.69
CA LEU C 139 23.60 19.57 24.46
C LEU C 139 22.25 20.19 24.78
N ILE C 140 21.30 20.04 23.86
CA ILE C 140 19.96 20.60 23.99
C ILE C 140 18.97 19.45 23.91
N SER C 141 18.22 19.23 24.99
CA SER C 141 17.29 18.11 25.06
C SER C 141 15.97 18.57 25.67
N ASP C 142 14.94 17.77 25.42
CA ASP C 142 13.62 17.93 26.04
C ASP C 142 12.99 19.28 25.67
N PHE C 143 12.90 19.56 24.37
CA PHE C 143 12.21 20.73 23.87
C PHE C 143 11.26 20.32 22.76
N TYR C 144 10.09 20.98 22.73
CA TYR C 144 9.06 20.73 21.75
C TYR C 144 8.37 22.07 21.51
N PRO C 145 8.19 22.50 20.25
CA PRO C 145 8.52 21.81 18.99
C PRO C 145 10.01 21.67 18.71
N GLY C 146 10.36 20.93 17.66
CA GLY C 146 11.74 20.69 17.32
C GLY C 146 12.33 21.74 16.40
N ALA C 147 12.45 22.97 16.90
CA ALA C 147 13.00 24.07 16.12
C ALA C 147 13.64 25.05 17.08
N VAL C 148 14.98 25.10 17.08
CA VAL C 148 15.73 26.01 17.94
C VAL C 148 16.88 26.61 17.15
N THR C 149 17.31 27.79 17.55
CA THR C 149 18.45 28.48 16.97
C THR C 149 19.48 28.76 18.06
N VAL C 150 20.74 28.46 17.78
CA VAL C 150 21.81 28.54 18.76
C VAL C 150 22.78 29.65 18.35
N ALA C 151 23.23 30.42 19.34
CA ALA C 151 24.19 31.49 19.13
C ALA C 151 25.26 31.43 20.21
N TRP C 152 26.51 31.22 19.81
CA TRP C 152 27.64 31.17 20.73
C TRP C 152 28.25 32.55 20.92
N LYS C 153 28.92 32.74 22.05
CA LYS C 153 29.53 34.03 22.38
C LYS C 153 30.89 33.80 23.02
N ALA C 154 31.95 33.90 22.23
CA ALA C 154 33.29 33.98 22.80
C ALA C 154 33.39 35.27 23.59
N ASP C 155 33.98 35.20 24.79
CA ASP C 155 33.80 36.26 25.77
C ASP C 155 32.31 36.51 25.90
N SER C 156 31.85 37.68 25.45
CA SER C 156 30.42 37.93 25.31
C SER C 156 30.11 38.62 24.00
N SER C 157 30.99 38.45 23.01
CA SER C 157 30.85 38.94 21.65
C SER C 157 30.46 37.81 20.71
N PRO C 158 29.79 38.10 19.60
CA PRO C 158 29.30 37.01 18.74
C PRO C 158 30.44 36.21 18.10
N VAL C 159 30.21 34.91 17.93
CA VAL C 159 31.11 34.03 17.21
C VAL C 159 30.51 33.75 15.85
N LYS C 160 31.33 33.87 14.80
CA LYS C 160 30.88 33.66 13.44
C LYS C 160 31.65 32.54 12.74
N ALA C 161 32.43 31.75 13.47
CA ALA C 161 33.21 30.68 12.86
C ALA C 161 33.42 29.57 13.87
N GLY C 162 33.67 28.37 13.36
CA GLY C 162 33.91 27.22 14.19
C GLY C 162 32.68 26.61 14.82
N VAL C 163 31.48 27.11 14.50
CA VAL C 163 30.24 26.64 15.08
C VAL C 163 29.62 25.61 14.15
N GLU C 164 29.29 24.44 14.68
CA GLU C 164 28.60 23.39 13.95
C GLU C 164 27.47 22.86 14.82
N THR C 165 26.28 22.74 14.24
CA THR C 165 25.08 22.34 14.97
C THR C 165 24.32 21.30 14.18
N THR C 166 23.73 20.33 14.89
CA THR C 166 22.94 19.28 14.28
C THR C 166 21.50 19.73 14.09
N THR C 167 20.87 19.24 13.04
CA THR C 167 19.45 19.48 12.84
C THR C 167 18.65 18.78 13.93
N PRO C 168 17.53 19.37 14.35
CA PRO C 168 16.75 18.78 15.45
C PRO C 168 16.29 17.37 15.12
N SER C 169 16.54 16.44 16.04
CA SER C 169 16.17 15.04 15.90
C SER C 169 15.18 14.66 16.99
N LYS C 170 14.25 13.78 16.65
CA LYS C 170 13.18 13.41 17.55
C LYS C 170 13.68 12.39 18.58
N GLN C 171 13.34 12.62 19.85
CA GLN C 171 13.76 11.73 20.92
C GLN C 171 12.80 10.56 21.04
N SER C 172 12.96 9.76 22.10
CA SER C 172 12.06 8.62 22.31
C SER C 172 10.69 9.08 22.82
N ASN C 173 10.64 10.17 23.59
CA ASN C 173 9.40 10.69 24.13
C ASN C 173 8.74 11.72 23.21
N ASN C 174 8.97 11.61 21.89
CA ASN C 174 8.40 12.51 20.88
C ASN C 174 8.88 13.94 21.02
N LYS C 175 9.67 14.23 22.05
CA LYS C 175 10.36 15.51 22.11
C LYS C 175 11.60 15.47 21.21
N TYR C 176 12.25 16.63 21.07
CA TYR C 176 13.34 16.77 20.13
C TYR C 176 14.64 17.09 20.87
N ALA C 177 15.75 16.92 20.15
CA ALA C 177 17.07 17.16 20.70
C ALA C 177 18.00 17.65 19.60
N ALA C 178 19.02 18.39 20.01
CA ALA C 178 20.03 18.91 19.10
C ALA C 178 21.29 19.23 19.90
N SER C 179 22.42 19.27 19.20
CA SER C 179 23.70 19.51 19.84
C SER C 179 24.53 20.45 18.99
N SER C 180 25.13 21.45 19.64
CA SER C 180 26.01 22.40 18.99
C SER C 180 27.43 22.21 19.48
N TYR C 181 28.39 22.46 18.59
CA TYR C 181 29.81 22.29 18.89
C TYR C 181 30.56 23.55 18.47
N LEU C 182 31.63 23.85 19.21
CA LEU C 182 32.48 25.01 18.94
C LEU C 182 33.94 24.58 19.01
N SER C 183 34.59 24.50 17.86
CA SER C 183 36.01 24.16 17.81
C SER C 183 36.85 25.39 18.15
N LEU C 184 37.87 25.18 18.97
CA LEU C 184 38.76 26.25 19.40
C LEU C 184 40.18 25.71 19.47
N THR C 185 41.11 26.62 19.58
CA THR C 185 42.44 26.20 20.02
C THR C 185 42.55 26.36 21.53
N PRO C 186 43.39 25.57 22.20
CA PRO C 186 43.54 25.74 23.66
C PRO C 186 44.00 27.13 24.05
N GLU C 187 44.57 27.92 23.13
CA GLU C 187 44.93 29.29 23.44
C GLU C 187 43.72 30.22 23.37
N GLN C 188 42.73 29.89 22.55
CA GLN C 188 41.49 30.67 22.51
C GLN C 188 40.58 30.36 23.69
N TRP C 189 40.66 29.13 24.22
CA TRP C 189 39.77 28.74 25.32
C TRP C 189 40.20 29.41 26.63
N LYS C 190 41.50 29.60 26.84
CA LYS C 190 42.00 30.12 28.09
C LYS C 190 42.20 31.63 28.09
N SER C 191 42.30 32.24 26.90
CA SER C 191 42.43 33.69 26.81
C SER C 191 41.14 34.43 27.11
N HIS C 192 40.02 33.72 27.15
CA HIS C 192 38.72 34.32 27.43
C HIS C 192 38.22 33.88 28.80
N ARG C 193 37.53 34.79 29.50
CA ARG C 193 37.00 34.46 30.81
C ARG C 193 35.96 33.36 30.75
N SER C 194 35.11 33.35 29.71
CA SER C 194 34.05 32.36 29.65
C SER C 194 33.56 32.23 28.21
N TYR C 195 32.65 31.28 28.00
CA TYR C 195 31.96 31.08 26.73
C TYR C 195 30.53 30.67 27.04
N SER C 196 29.57 31.19 26.27
CA SER C 196 28.16 31.00 26.57
C SER C 196 27.38 30.52 25.35
N CYS C 197 26.45 29.59 25.59
CA CYS C 197 25.63 28.97 24.57
C CYS C 197 24.18 29.39 24.79
N GLN C 198 23.59 30.05 23.79
CA GLN C 198 22.23 30.57 23.87
C GLN C 198 21.32 29.75 22.96
N VAL C 199 20.26 29.19 23.53
CA VAL C 199 19.33 28.32 22.80
C VAL C 199 17.98 29.03 22.74
N THR C 200 17.65 29.57 21.57
CA THR C 200 16.37 30.24 21.36
C THR C 200 15.32 29.22 20.95
N HIS C 201 14.28 29.08 21.77
CA HIS C 201 13.20 28.14 21.53
C HIS C 201 11.87 28.87 21.61
N GLU C 202 11.16 28.93 20.49
CA GLU C 202 9.86 29.63 20.40
C GLU C 202 9.99 31.09 20.83
N GLY C 203 11.11 31.71 20.48
CA GLY C 203 11.34 33.09 20.84
C GLY C 203 11.75 33.32 22.28
N SER C 204 12.12 32.27 23.00
CA SER C 204 12.58 32.38 24.38
C SER C 204 13.91 31.65 24.52
N THR C 205 14.91 32.34 25.06
CA THR C 205 16.28 31.86 25.07
C THR C 205 16.67 31.32 26.45
N VAL C 206 17.45 30.24 26.44
CA VAL C 206 18.06 29.68 27.64
C VAL C 206 19.57 29.62 27.41
N GLU C 207 20.33 30.12 28.38
CA GLU C 207 21.76 30.28 28.21
C GLU C 207 22.53 29.65 29.37
N LYS C 208 23.62 28.97 29.03
CA LYS C 208 24.54 28.42 30.00
C LYS C 208 25.95 28.92 29.72
N THR C 209 26.84 28.77 30.70
CA THR C 209 28.18 29.35 30.60
C THR C 209 29.18 28.44 31.30
N VAL C 210 30.36 28.30 30.69
CA VAL C 210 31.49 27.60 31.27
C VAL C 210 32.73 28.47 31.14
N ALA C 211 33.71 28.21 31.99
CA ALA C 211 34.94 28.96 32.09
C ALA C 211 36.12 28.01 32.10
N PRO C 212 37.31 28.48 31.70
CA PRO C 212 38.49 27.60 31.69
C PRO C 212 38.83 27.10 33.10
N THR C 213 39.04 25.79 33.21
CA THR C 213 39.40 25.17 34.47
C THR C 213 40.87 25.39 34.80
N LYS D 3 -16.78 -16.25 -44.73
CA LYS D 3 -16.08 -15.22 -43.96
C LYS D 3 -17.00 -14.61 -42.90
N VAL D 4 -18.31 -14.63 -43.19
CA VAL D 4 -19.31 -14.06 -42.31
C VAL D 4 -19.71 -15.12 -41.27
N ILE D 5 -19.98 -14.67 -40.05
CA ILE D 5 -20.33 -15.55 -38.94
C ILE D 5 -21.84 -15.57 -38.83
N HIS D 6 -22.46 -16.69 -39.18
CA HIS D 6 -23.89 -16.89 -38.93
C HIS D 6 -24.09 -16.93 -37.42
N GLY D 7 -24.51 -15.82 -36.85
CA GLY D 7 -24.69 -15.75 -35.41
C GLY D 7 -25.12 -14.37 -34.96
N CYS D 8 -24.99 -14.15 -33.66
CA CYS D 8 -25.53 -12.97 -33.00
C CYS D 8 -24.42 -12.16 -32.37
N ASN D 9 -24.37 -10.87 -32.72
CA ASN D 9 -23.43 -9.94 -32.12
C ASN D 9 -24.20 -9.13 -31.07
N PHE D 10 -23.99 -9.47 -29.80
CA PHE D 10 -24.59 -8.75 -28.68
C PHE D 10 -23.75 -7.60 -28.18
N SER D 11 -22.52 -7.46 -28.69
CA SER D 11 -21.65 -6.36 -28.31
C SER D 11 -22.00 -5.12 -29.14
N SER D 12 -21.30 -4.02 -28.84
CA SER D 12 -21.57 -2.73 -29.46
C SER D 12 -20.30 -2.05 -29.97
N ASN D 13 -19.19 -2.76 -30.02
CA ASN D 13 -17.99 -2.28 -30.69
C ASN D 13 -18.25 -2.12 -32.19
N VAL D 14 -18.18 -0.88 -32.68
CA VAL D 14 -18.53 -0.60 -34.06
C VAL D 14 -17.37 -0.84 -35.02
N SER D 15 -16.12 -0.76 -34.55
CA SER D 15 -14.96 -1.03 -35.40
C SER D 15 -14.41 -2.42 -35.09
N SER D 16 -15.27 -3.42 -35.25
CA SER D 16 -14.94 -4.79 -34.90
C SER D 16 -14.35 -5.52 -36.08
N LYS D 17 -13.38 -6.40 -35.79
CA LYS D 17 -12.79 -7.25 -36.82
C LYS D 17 -13.77 -8.30 -37.34
N HIS D 18 -14.80 -8.63 -36.57
CA HIS D 18 -15.71 -9.71 -36.92
C HIS D 18 -17.00 -9.16 -37.53
N THR D 19 -17.70 -10.02 -38.23
CA THR D 19 -18.95 -9.67 -38.88
C THR D 19 -19.96 -10.79 -38.65
N PHE D 20 -21.09 -10.43 -38.03
CA PHE D 20 -22.15 -11.37 -37.73
C PHE D 20 -23.36 -11.06 -38.60
N THR D 21 -24.14 -12.12 -38.87
CA THR D 21 -25.37 -11.95 -39.65
C THR D 21 -26.40 -11.11 -38.91
N ASP D 22 -26.50 -11.25 -37.59
CA ASP D 22 -27.51 -10.58 -36.80
C ASP D 22 -26.86 -9.85 -35.63
N SER D 23 -27.45 -8.73 -35.23
CA SER D 23 -26.90 -7.91 -34.16
C SER D 23 -28.01 -7.36 -33.29
N LEU D 24 -27.87 -7.52 -31.97
CA LEU D 24 -28.75 -6.86 -31.01
C LEU D 24 -27.93 -6.50 -29.78
N ASP D 25 -27.77 -5.20 -29.54
CA ASP D 25 -27.06 -4.74 -28.35
C ASP D 25 -27.80 -5.20 -27.09
N ILE D 26 -27.15 -6.06 -26.31
CA ILE D 26 -27.81 -6.65 -25.15
C ILE D 26 -28.18 -5.60 -24.12
N SER D 27 -27.50 -4.47 -24.11
CA SER D 27 -27.89 -3.40 -23.20
C SER D 27 -29.17 -2.69 -23.63
N LEU D 28 -29.90 -3.21 -24.61
CA LEU D 28 -31.17 -2.63 -25.05
C LEU D 28 -32.37 -3.49 -24.69
N VAL D 29 -32.16 -4.64 -24.06
CA VAL D 29 -33.25 -5.50 -23.62
C VAL D 29 -33.48 -5.26 -22.12
N ASP D 30 -34.73 -5.42 -21.70
CA ASP D 30 -35.07 -5.29 -20.30
C ASP D 30 -34.41 -6.40 -19.47
N ASP D 31 -34.22 -6.10 -18.18
CA ASP D 31 -33.60 -7.07 -17.27
C ASP D 31 -34.46 -8.30 -17.04
N SER D 32 -35.72 -8.29 -17.47
CA SER D 32 -36.62 -9.42 -17.31
C SER D 32 -37.11 -9.99 -18.62
N ALA D 33 -36.63 -9.48 -19.76
CA ALA D 33 -37.19 -9.87 -21.05
C ALA D 33 -36.58 -11.17 -21.55
N HIS D 34 -37.42 -11.97 -22.22
CA HIS D 34 -37.01 -13.23 -22.82
C HIS D 34 -36.80 -13.00 -24.31
N ILE D 35 -35.67 -12.40 -24.64
CA ILE D 35 -35.35 -12.01 -26.01
C ILE D 35 -34.36 -13.02 -26.57
N SER D 36 -34.52 -13.35 -27.85
CA SER D 36 -33.64 -14.29 -28.50
C SER D 36 -33.30 -13.78 -29.90
N CYS D 37 -32.06 -13.99 -30.29
CA CYS D 37 -31.61 -13.77 -31.66
C CYS D 37 -31.47 -15.13 -32.34
N ASN D 38 -32.15 -15.30 -33.47
CA ASN D 38 -32.39 -16.61 -34.07
C ASN D 38 -31.56 -16.80 -35.32
N VAL D 39 -30.83 -17.91 -35.39
CA VAL D 39 -30.01 -18.30 -36.53
C VAL D 39 -30.55 -19.62 -37.07
N HIS D 40 -30.98 -19.62 -38.34
CA HIS D 40 -31.56 -20.81 -38.98
C HIS D 40 -30.80 -21.14 -40.26
N LEU D 41 -30.03 -22.22 -40.24
CA LEU D 41 -29.31 -22.69 -41.42
C LEU D 41 -30.08 -23.84 -42.06
N SER D 42 -30.29 -23.75 -43.38
CA SER D 42 -31.00 -24.78 -44.13
C SER D 42 -30.27 -25.00 -45.46
N GLU D 43 -29.42 -26.03 -45.51
CA GLU D 43 -28.61 -26.32 -46.68
C GLU D 43 -28.49 -27.82 -46.84
N PRO D 44 -28.32 -28.33 -48.06
CA PRO D 44 -28.02 -29.76 -48.23
C PRO D 44 -26.74 -30.19 -47.54
N LYS D 45 -25.62 -29.52 -47.84
CA LYS D 45 -24.38 -29.67 -47.09
C LYS D 45 -23.98 -28.32 -46.51
N TYR D 46 -23.17 -28.35 -45.45
CA TYR D 46 -22.80 -27.14 -44.73
C TYR D 46 -21.30 -26.88 -44.80
N ASN D 47 -20.95 -25.59 -44.71
CA ASN D 47 -19.59 -25.10 -44.56
C ASN D 47 -19.68 -23.72 -43.92
N HIS D 48 -20.22 -23.66 -42.70
CA HIS D 48 -20.62 -22.40 -42.10
C HIS D 48 -19.91 -22.18 -40.76
N LEU D 49 -19.66 -20.92 -40.45
CA LEU D 49 -19.25 -20.50 -39.12
C LEU D 49 -20.48 -20.07 -38.33
N VAL D 50 -20.63 -20.59 -37.12
CA VAL D 50 -21.71 -20.24 -36.22
C VAL D 50 -21.10 -19.81 -34.90
N GLY D 51 -21.62 -18.74 -34.31
CA GLY D 51 -21.05 -18.26 -33.06
C GLY D 51 -21.74 -17.01 -32.58
N LEU D 52 -21.20 -16.45 -31.50
CA LEU D 52 -21.78 -15.25 -30.91
C LEU D 52 -20.68 -14.35 -30.35
N ASN D 53 -21.01 -13.06 -30.25
CA ASN D 53 -20.17 -12.07 -29.60
C ASN D 53 -20.91 -11.57 -28.37
N CYS D 54 -20.34 -11.78 -27.19
CA CYS D 54 -21.03 -11.44 -25.95
C CYS D 54 -20.19 -10.45 -25.14
N PRO D 55 -20.74 -9.31 -24.72
CA PRO D 55 -19.96 -8.38 -23.91
C PRO D 55 -19.92 -8.75 -22.43
N GLY D 56 -20.74 -9.70 -21.99
CA GLY D 56 -20.76 -10.12 -20.60
C GLY D 56 -20.26 -11.54 -20.39
N ASP D 57 -21.14 -12.41 -19.92
CA ASP D 57 -20.78 -13.81 -19.71
C ASP D 57 -21.63 -14.72 -20.59
N ILE D 58 -21.06 -15.88 -20.90
CA ILE D 58 -21.66 -16.84 -21.81
C ILE D 58 -22.03 -18.08 -21.01
N ILE D 59 -23.26 -18.55 -21.19
CA ILE D 59 -23.75 -19.74 -20.51
C ILE D 59 -24.45 -20.63 -21.54
N PRO D 60 -24.11 -21.92 -21.61
CA PRO D 60 -22.98 -22.49 -20.86
C PRO D 60 -21.66 -22.24 -21.58
N ASP D 61 -20.68 -23.12 -21.45
CA ASP D 61 -19.39 -22.91 -22.11
C ASP D 61 -19.53 -23.25 -23.60
N CYS D 62 -20.23 -22.37 -24.31
CA CYS D 62 -20.39 -22.50 -25.74
C CYS D 62 -19.05 -22.31 -26.44
N PHE D 63 -18.86 -23.04 -27.54
CA PHE D 63 -19.88 -23.90 -28.12
C PHE D 63 -19.63 -25.39 -27.91
N PHE D 64 -18.63 -25.72 -27.08
CA PHE D 64 -18.45 -27.12 -26.69
C PHE D 64 -19.69 -27.63 -25.96
N GLN D 65 -20.26 -26.81 -25.08
CA GLN D 65 -21.54 -27.08 -24.45
C GLN D 65 -22.61 -26.19 -25.05
N VAL D 66 -23.84 -26.69 -25.09
CA VAL D 66 -25.01 -25.91 -25.48
C VAL D 66 -26.19 -26.31 -24.59
N TYR D 67 -27.35 -25.72 -24.88
CA TYR D 67 -28.52 -25.76 -24.01
C TYR D 67 -29.72 -26.15 -24.86
N GLN D 68 -30.45 -27.20 -24.43
CA GLN D 68 -31.35 -27.89 -25.36
C GLN D 68 -32.46 -26.99 -25.90
N PRO D 69 -33.36 -26.42 -25.07
CA PRO D 69 -33.81 -26.62 -23.69
C PRO D 69 -35.22 -27.25 -23.65
N GLU D 70 -35.64 -27.76 -22.48
CA GLU D 70 -36.98 -28.31 -22.32
C GLU D 70 -37.94 -27.23 -21.81
N SER D 71 -38.68 -27.52 -20.74
CA SER D 71 -39.55 -26.53 -20.14
C SER D 71 -38.73 -25.36 -19.58
N GLU D 72 -39.40 -24.22 -19.43
CA GLU D 72 -38.70 -22.98 -19.11
C GLU D 72 -37.97 -23.08 -17.78
N GLU D 73 -36.70 -22.68 -17.78
CA GLU D 73 -35.86 -22.70 -16.60
C GLU D 73 -35.35 -21.29 -16.30
N LEU D 74 -34.95 -21.09 -15.05
CA LEU D 74 -34.14 -19.93 -14.67
C LEU D 74 -32.66 -20.24 -14.69
N GLU D 75 -32.29 -21.47 -14.35
CA GLU D 75 -30.94 -21.97 -14.49
C GLU D 75 -30.95 -23.13 -15.49
N PRO D 76 -30.05 -23.13 -16.49
CA PRO D 76 -29.99 -24.25 -17.43
C PRO D 76 -29.97 -25.63 -16.79
N SER D 77 -28.78 -26.13 -16.43
CA SER D 77 -28.62 -27.49 -15.92
C SER D 77 -29.26 -28.51 -16.87
N ASN D 78 -29.54 -28.10 -18.10
CA ASN D 78 -30.04 -28.95 -19.17
C ASN D 78 -29.01 -28.91 -20.30
N ILE D 79 -27.78 -29.05 -19.91
CA ILE D 79 -26.63 -28.85 -20.77
C ILE D 79 -26.32 -30.13 -21.54
N VAL D 80 -25.81 -29.96 -22.74
CA VAL D 80 -25.42 -31.08 -23.59
C VAL D 80 -24.23 -30.64 -24.41
N TYR D 81 -23.38 -31.61 -24.77
CA TYR D 81 -22.25 -31.33 -25.64
C TYR D 81 -22.73 -31.21 -27.08
N LEU D 82 -22.17 -30.23 -27.81
CA LEU D 82 -22.56 -30.02 -29.19
C LEU D 82 -22.24 -31.24 -30.06
N ASP D 83 -21.16 -31.94 -29.75
CA ASP D 83 -20.85 -33.17 -30.49
C ASP D 83 -21.97 -34.20 -30.34
N SER D 84 -22.73 -34.14 -29.25
CA SER D 84 -23.84 -35.07 -29.05
C SER D 84 -25.10 -34.59 -29.76
N GLN D 85 -25.37 -33.29 -29.71
CA GLN D 85 -26.62 -32.75 -30.24
C GLN D 85 -26.63 -32.75 -31.78
N ILE D 86 -25.50 -32.43 -32.40
CA ILE D 86 -25.44 -32.40 -33.86
C ILE D 86 -25.14 -33.78 -34.43
N ASN D 87 -24.35 -34.58 -33.69
CA ASN D 87 -23.97 -35.94 -34.09
C ASN D 87 -23.14 -35.93 -35.38
N ILE D 88 -22.26 -34.94 -35.50
CA ILE D 88 -21.15 -34.97 -36.43
C ILE D 88 -19.87 -34.91 -35.61
N GLY D 89 -18.93 -35.81 -35.89
CA GLY D 89 -17.64 -35.74 -35.24
C GLY D 89 -16.74 -34.66 -35.79
N ASP D 90 -17.02 -34.17 -36.99
CA ASP D 90 -16.19 -33.18 -37.68
C ASP D 90 -16.69 -31.79 -37.32
N ILE D 91 -16.23 -31.27 -36.19
CA ILE D 91 -16.58 -29.93 -35.73
C ILE D 91 -15.32 -29.24 -35.23
N GLU D 92 -15.07 -28.02 -35.73
CA GLU D 92 -13.96 -27.20 -35.26
C GLU D 92 -14.50 -26.12 -34.34
N TYR D 93 -13.85 -25.94 -33.20
CA TYR D 93 -14.24 -24.94 -32.21
C TYR D 93 -13.25 -23.79 -32.21
N TYR D 94 -13.77 -22.56 -32.23
CA TYR D 94 -12.95 -21.36 -32.23
C TYR D 94 -13.34 -20.48 -31.05
N GLU D 95 -12.39 -19.62 -30.64
CA GLU D 95 -12.65 -18.64 -29.60
C GLU D 95 -11.76 -17.43 -29.85
N ASP D 96 -12.27 -16.26 -29.47
CA ASP D 96 -11.56 -15.01 -29.69
C ASP D 96 -12.03 -13.99 -28.67
N ALA D 97 -11.17 -13.01 -28.40
CA ALA D 97 -11.48 -11.94 -27.45
C ALA D 97 -11.17 -10.60 -28.09
N GLU D 98 -12.14 -9.70 -28.06
CA GLU D 98 -12.03 -8.36 -28.63
C GLU D 98 -12.23 -7.37 -27.48
N GLY D 99 -11.13 -6.97 -26.85
CA GLY D 99 -11.22 -6.21 -25.62
C GLY D 99 -11.75 -7.07 -24.49
N ASP D 100 -12.89 -6.69 -23.92
CA ASP D 100 -13.56 -7.48 -22.91
C ASP D 100 -14.73 -8.26 -23.48
N ASP D 101 -14.91 -8.25 -24.79
CA ASP D 101 -15.93 -9.06 -25.44
C ASP D 101 -15.44 -10.48 -25.64
N LYS D 102 -16.35 -11.43 -25.51
CA LYS D 102 -16.05 -12.85 -25.66
C LYS D 102 -16.68 -13.35 -26.95
N ILE D 103 -15.87 -13.96 -27.81
CA ILE D 103 -16.34 -14.52 -29.08
C ILE D 103 -16.11 -16.02 -29.05
N LYS D 104 -17.19 -16.78 -29.19
CA LYS D 104 -17.15 -18.24 -29.24
C LYS D 104 -17.75 -18.68 -30.57
N LEU D 105 -17.04 -19.56 -31.29
CA LEU D 105 -17.45 -19.98 -32.63
C LEU D 105 -17.39 -21.49 -32.74
N PHE D 106 -18.00 -22.01 -33.80
CA PHE D 106 -17.74 -23.36 -34.26
C PHE D 106 -17.99 -23.43 -35.75
N GLY D 107 -17.33 -24.39 -36.39
CA GLY D 107 -17.52 -24.64 -37.80
C GLY D 107 -18.22 -26.00 -38.00
N ILE D 108 -19.15 -26.02 -38.94
CA ILE D 108 -19.84 -27.26 -39.31
C ILE D 108 -19.60 -27.51 -40.79
N VAL D 109 -19.16 -28.72 -41.12
CA VAL D 109 -18.83 -29.10 -42.49
C VAL D 109 -19.52 -30.42 -42.80
N GLY D 110 -20.33 -30.42 -43.85
CA GLY D 110 -21.07 -31.60 -44.26
C GLY D 110 -22.55 -31.50 -43.91
N SER D 111 -23.25 -32.58 -44.21
CA SER D 111 -24.67 -32.68 -43.90
C SER D 111 -24.88 -33.33 -42.53
N ILE D 112 -26.04 -33.09 -41.96
CA ILE D 112 -26.40 -33.67 -40.66
C ILE D 112 -27.57 -34.63 -40.84
N PRO D 113 -27.71 -35.65 -40.00
CA PRO D 113 -28.81 -36.62 -40.17
C PRO D 113 -30.19 -36.03 -39.92
N LYS D 114 -30.39 -35.41 -38.76
CA LYS D 114 -31.69 -34.88 -38.37
C LYS D 114 -31.59 -33.38 -38.08
N THR D 115 -32.71 -32.69 -38.27
CA THR D 115 -32.81 -31.28 -37.91
C THR D 115 -32.70 -31.13 -36.40
N THR D 116 -31.79 -30.26 -35.94
CA THR D 116 -31.52 -30.08 -34.53
C THR D 116 -31.51 -28.61 -34.16
N SER D 117 -31.67 -28.34 -32.86
CA SER D 117 -31.65 -26.99 -32.34
C SER D 117 -30.98 -26.96 -30.98
N PHE D 118 -30.40 -25.82 -30.66
CA PHE D 118 -29.74 -25.62 -29.37
C PHE D 118 -29.68 -24.12 -29.11
N THR D 119 -29.25 -23.77 -27.90
CA THR D 119 -29.31 -22.38 -27.45
C THR D 119 -28.05 -22.06 -26.66
N CYS D 120 -27.63 -20.80 -26.76
CA CYS D 120 -26.55 -20.25 -25.97
C CYS D 120 -27.02 -18.91 -25.42
N ILE D 121 -26.61 -18.60 -24.19
CA ILE D 121 -27.08 -17.40 -23.49
C ILE D 121 -25.92 -16.42 -23.32
N CYS D 122 -26.15 -15.18 -23.72
CA CYS D 122 -25.29 -14.07 -23.35
C CYS D 122 -25.93 -13.30 -22.22
N LYS D 123 -25.17 -13.12 -21.14
CA LYS D 123 -25.66 -12.45 -19.93
C LYS D 123 -24.76 -11.28 -19.60
N LYS D 124 -25.36 -10.10 -19.45
CA LYS D 124 -24.67 -8.90 -18.99
C LYS D 124 -25.52 -8.27 -17.90
N ASP D 125 -25.01 -8.28 -16.67
CA ASP D 125 -25.76 -7.77 -15.50
C ASP D 125 -27.04 -8.59 -15.39
N LYS D 126 -28.20 -7.98 -15.14
CA LYS D 126 -29.45 -8.73 -15.10
C LYS D 126 -30.02 -8.99 -16.49
N LYS D 127 -29.41 -8.46 -17.54
CA LYS D 127 -29.92 -8.63 -18.88
C LYS D 127 -29.45 -9.96 -19.46
N SER D 128 -30.32 -10.59 -20.24
CA SER D 128 -30.03 -11.94 -20.74
C SER D 128 -30.68 -12.08 -22.11
N ALA D 129 -29.89 -12.41 -23.11
CA ALA D 129 -30.39 -12.66 -24.45
C ALA D 129 -29.94 -14.05 -24.90
N TYR D 130 -30.86 -14.76 -25.54
CA TYR D 130 -30.60 -16.11 -26.02
C TYR D 130 -30.21 -16.07 -27.49
N MET D 131 -29.38 -17.03 -27.89
CA MET D 131 -29.08 -17.28 -29.29
C MET D 131 -29.52 -18.70 -29.60
N THR D 132 -30.63 -18.83 -30.33
CA THR D 132 -31.16 -20.13 -30.73
C THR D 132 -30.75 -20.44 -32.15
N VAL D 133 -30.14 -21.61 -32.34
CA VAL D 133 -29.67 -22.06 -33.64
C VAL D 133 -30.55 -23.22 -34.10
N THR D 134 -30.87 -23.23 -35.39
CA THR D 134 -31.56 -24.36 -36.02
C THR D 134 -30.83 -24.71 -37.31
N ILE D 135 -30.41 -25.96 -37.40
CA ILE D 135 -29.69 -26.49 -38.55
C ILE D 135 -30.54 -27.59 -39.17
N ASP D 136 -30.98 -27.38 -40.41
CA ASP D 136 -31.85 -28.35 -41.06
C ASP D 136 -31.02 -29.46 -41.72
N SER D 137 -31.72 -30.52 -42.14
CA SER D 137 -31.13 -31.63 -42.86
C SER D 137 -31.30 -31.41 -44.37
N ALA D 138 -30.90 -32.41 -45.16
CA ALA D 138 -30.87 -32.23 -46.61
C ALA D 138 -32.28 -32.25 -47.21
N GLY D 139 -33.23 -32.93 -46.58
CA GLY D 139 -34.58 -32.99 -47.10
C GLY D 139 -35.54 -31.93 -46.56
N GLU E 1 -27.14 -35.38 -1.82
CA GLU E 1 -27.11 -33.93 -1.72
C GLU E 1 -25.76 -33.39 -2.18
N VAL E 2 -25.71 -32.08 -2.43
CA VAL E 2 -24.46 -31.45 -2.85
C VAL E 2 -23.47 -31.48 -1.70
N GLN E 3 -22.22 -31.80 -2.02
CA GLN E 3 -21.18 -31.96 -1.01
C GLN E 3 -19.88 -31.39 -1.56
N LEU E 4 -19.28 -30.45 -0.82
CA LEU E 4 -18.01 -29.84 -1.19
C LEU E 4 -17.03 -30.08 -0.05
N VAL E 5 -16.03 -30.91 -0.29
CA VAL E 5 -15.01 -31.24 0.69
C VAL E 5 -13.67 -30.71 0.19
N GLU E 6 -12.98 -29.97 1.04
CA GLU E 6 -11.74 -29.29 0.67
C GLU E 6 -10.54 -29.99 1.29
N SER E 7 -9.42 -29.91 0.59
CA SER E 7 -8.19 -30.59 0.99
C SER E 7 -7.00 -29.66 0.76
N GLY E 8 -5.87 -30.03 1.33
CA GLY E 8 -4.66 -29.28 1.16
C GLY E 8 -4.52 -28.15 2.17
N GLY E 9 -3.46 -27.38 1.99
CA GLY E 9 -3.18 -26.28 2.88
C GLY E 9 -2.28 -26.69 4.03
N GLY E 10 -2.09 -25.73 4.94
CA GLY E 10 -1.23 -25.95 6.09
C GLY E 10 -0.39 -24.74 6.43
N LEU E 11 0.84 -24.97 6.87
CA LEU E 11 1.77 -23.91 7.25
C LEU E 11 2.82 -23.76 6.15
N LEU E 12 2.98 -22.53 5.64
CA LEU E 12 3.86 -22.26 4.52
C LEU E 12 4.75 -21.06 4.82
N GLN E 13 5.68 -20.82 3.92
CA GLN E 13 6.60 -19.69 3.94
C GLN E 13 6.41 -18.83 2.69
N PRO E 14 6.83 -17.57 2.74
CA PRO E 14 6.75 -16.73 1.53
C PRO E 14 7.63 -17.29 0.42
N GLY E 15 7.21 -17.05 -0.82
CA GLY E 15 7.93 -17.52 -1.98
C GLY E 15 7.72 -18.97 -2.33
N ARG E 16 7.03 -19.74 -1.48
CA ARG E 16 6.78 -21.15 -1.73
C ARG E 16 5.64 -21.33 -2.71
N SER E 17 5.04 -22.53 -2.73
CA SER E 17 3.87 -22.79 -3.56
C SER E 17 2.93 -23.72 -2.79
N LEU E 18 1.67 -23.76 -3.22
CA LEU E 18 0.65 -24.58 -2.59
C LEU E 18 -0.49 -24.80 -3.57
N LYS E 19 -1.11 -25.97 -3.49
CA LYS E 19 -2.24 -26.32 -4.34
C LYS E 19 -3.39 -26.78 -3.46
N LEU E 20 -4.50 -26.07 -3.51
CA LEU E 20 -5.70 -26.43 -2.76
C LEU E 20 -6.60 -27.34 -3.60
N SER E 21 -7.36 -28.20 -2.92
CA SER E 21 -8.20 -29.19 -3.56
C SER E 21 -9.62 -29.09 -3.06
N CYS E 22 -10.58 -29.30 -3.96
CA CYS E 22 -12.01 -29.32 -3.61
C CYS E 22 -12.67 -30.43 -4.41
N VAL E 23 -13.16 -31.45 -3.72
CA VAL E 23 -13.82 -32.59 -4.34
C VAL E 23 -15.32 -32.38 -4.27
N ALA E 24 -15.97 -32.27 -5.43
CA ALA E 24 -17.40 -31.99 -5.52
C ALA E 24 -18.17 -33.26 -5.84
N SER E 25 -19.35 -33.39 -5.24
CA SER E 25 -20.23 -34.54 -5.48
C SER E 25 -21.67 -34.09 -5.34
N GLY E 26 -22.59 -34.94 -5.77
CA GLY E 26 -24.01 -34.69 -5.65
C GLY E 26 -24.63 -33.86 -6.74
N PHE E 27 -23.89 -33.56 -7.81
CA PHE E 27 -24.42 -32.74 -8.90
C PHE E 27 -23.57 -32.96 -10.14
N THR E 28 -24.12 -32.55 -11.28
CA THR E 28 -23.40 -32.64 -12.55
C THR E 28 -22.28 -31.60 -12.54
N PHE E 29 -21.06 -32.08 -12.35
CA PHE E 29 -19.91 -31.19 -12.12
C PHE E 29 -19.74 -30.20 -13.27
N ASN E 30 -19.67 -30.71 -14.50
CA ASN E 30 -19.43 -29.86 -15.67
C ASN E 30 -20.58 -28.90 -15.98
N ASN E 31 -21.61 -28.71 -15.17
CA ASN E 31 -22.70 -27.79 -15.49
C ASN E 31 -22.66 -26.51 -14.67
N TYR E 32 -21.60 -26.27 -13.89
CA TYR E 32 -21.62 -25.20 -12.90
C TYR E 32 -20.28 -24.49 -12.83
N TRP E 33 -20.34 -23.19 -12.55
CA TRP E 33 -19.14 -22.44 -12.24
C TRP E 33 -18.70 -22.72 -10.81
N MET E 34 -17.40 -22.60 -10.58
CA MET E 34 -16.80 -22.84 -9.27
C MET E 34 -15.93 -21.65 -8.90
N SER E 35 -15.94 -21.29 -7.62
CA SER E 35 -15.16 -20.15 -7.16
C SER E 35 -14.43 -20.49 -5.88
N TRP E 36 -13.40 -19.69 -5.59
CA TRP E 36 -12.64 -19.74 -4.36
C TRP E 36 -12.87 -18.44 -3.60
N ILE E 37 -13.32 -18.55 -2.36
CA ILE E 37 -13.55 -17.40 -1.49
C ILE E 37 -12.75 -17.60 -0.21
N ARG E 38 -12.01 -16.58 0.21
CA ARG E 38 -11.23 -16.64 1.43
C ARG E 38 -11.69 -15.56 2.40
N GLN E 39 -11.36 -15.76 3.67
CA GLN E 39 -11.64 -14.77 4.72
C GLN E 39 -10.44 -14.73 5.64
N ALA E 40 -9.67 -13.64 5.55
CA ALA E 40 -8.60 -13.40 6.50
C ALA E 40 -9.18 -13.19 7.90
N PRO E 41 -8.43 -13.53 8.95
CA PRO E 41 -8.96 -13.38 10.31
C PRO E 41 -9.32 -11.94 10.62
N GLY E 42 -10.53 -11.74 11.12
CA GLY E 42 -11.00 -10.40 11.42
C GLY E 42 -11.22 -9.53 10.20
N LYS E 43 -11.51 -10.12 9.05
CA LYS E 43 -11.79 -9.39 7.82
C LYS E 43 -13.10 -9.91 7.22
N GLY E 44 -13.43 -9.38 6.03
CA GLY E 44 -14.61 -9.81 5.30
C GLY E 44 -14.26 -10.84 4.23
N LEU E 45 -15.31 -11.30 3.54
CA LEU E 45 -15.10 -12.28 2.48
C LEU E 45 -14.44 -11.59 1.28
N GLU E 46 -13.47 -12.28 0.68
CA GLU E 46 -12.78 -11.77 -0.51
C GLU E 46 -12.74 -12.86 -1.56
N TRP E 47 -13.26 -12.56 -2.75
CA TRP E 47 -13.23 -13.51 -3.84
C TRP E 47 -11.83 -13.63 -4.41
N ILE E 48 -11.47 -14.84 -4.84
CA ILE E 48 -10.11 -15.18 -5.25
C ILE E 48 -10.04 -15.58 -6.73
N ALA E 49 -10.97 -16.42 -7.16
CA ALA E 49 -10.92 -16.94 -8.52
C ALA E 49 -12.27 -17.56 -8.85
N SER E 50 -12.59 -17.57 -10.14
CA SER E 50 -13.79 -18.23 -10.64
C SER E 50 -13.45 -18.95 -11.94
N ILE E 51 -14.08 -20.10 -12.14
CA ILE E 51 -13.92 -20.88 -13.36
C ILE E 51 -15.29 -21.33 -13.83
N SER E 52 -15.49 -21.31 -15.15
CA SER E 52 -16.77 -21.70 -15.75
C SER E 52 -16.93 -23.21 -15.71
N ASN E 53 -17.97 -23.70 -16.39
CA ASN E 53 -18.29 -25.13 -16.39
C ASN E 53 -17.10 -25.98 -16.81
N ILE E 54 -16.51 -25.66 -17.96
CA ILE E 54 -15.37 -26.42 -18.48
C ILE E 54 -14.06 -25.65 -18.34
N GLY E 55 -14.11 -24.32 -18.33
CA GLY E 55 -12.91 -23.52 -18.26
C GLY E 55 -12.84 -22.49 -19.36
N GLY E 56 -13.96 -22.30 -20.07
CA GLY E 56 -14.03 -21.28 -21.10
C GLY E 56 -13.80 -19.88 -20.59
N THR E 57 -14.07 -19.64 -19.30
CA THR E 57 -13.89 -18.33 -18.69
C THR E 57 -13.22 -18.49 -17.35
N ILE E 58 -12.23 -17.65 -17.07
CA ILE E 58 -11.54 -17.62 -15.79
C ILE E 58 -11.37 -16.16 -15.37
N TYR E 59 -11.62 -15.87 -14.09
CA TYR E 59 -11.55 -14.53 -13.56
C TYR E 59 -10.65 -14.49 -12.34
N TYR E 60 -9.94 -13.36 -12.17
CA TYR E 60 -9.08 -13.13 -11.02
C TYR E 60 -9.14 -11.67 -10.62
N PRO E 61 -9.12 -11.37 -9.33
CA PRO E 61 -8.88 -9.99 -8.88
C PRO E 61 -7.39 -9.70 -8.88
N ASP E 62 -7.08 -8.40 -8.89
CA ASP E 62 -5.69 -7.98 -9.00
C ASP E 62 -4.83 -8.45 -7.83
N SER E 63 -5.43 -8.71 -6.67
CA SER E 63 -4.64 -9.06 -5.49
C SER E 63 -3.94 -10.40 -5.65
N VAL E 64 -4.54 -11.34 -6.37
CA VAL E 64 -3.96 -12.66 -6.59
C VAL E 64 -3.74 -12.97 -8.06
N LYS E 65 -4.06 -12.03 -8.95
CA LYS E 65 -3.83 -12.23 -10.38
C LYS E 65 -2.34 -12.35 -10.67
N GLY E 66 -1.95 -13.43 -11.32
CA GLY E 66 -0.57 -13.70 -11.60
C GLY E 66 0.14 -14.57 -10.57
N ARG E 67 -0.41 -14.67 -9.36
CA ARG E 67 0.13 -15.56 -8.33
C ARG E 67 -0.67 -16.86 -8.20
N PHE E 68 -1.99 -16.78 -8.34
CA PHE E 68 -2.85 -17.95 -8.19
C PHE E 68 -3.33 -18.43 -9.56
N THR E 69 -3.65 -19.71 -9.64
CA THR E 69 -4.19 -20.31 -10.86
C THR E 69 -5.25 -21.33 -10.48
N ILE E 70 -6.47 -21.12 -10.98
CA ILE E 70 -7.60 -22.00 -10.69
C ILE E 70 -7.75 -22.99 -11.84
N SER E 71 -8.12 -24.23 -11.52
CA SER E 71 -8.32 -25.24 -12.53
C SER E 71 -9.27 -26.29 -11.96
N ARG E 72 -9.83 -27.11 -12.87
CA ARG E 72 -10.75 -28.16 -12.48
C ARG E 72 -10.49 -29.41 -13.31
N ASP E 73 -10.72 -30.56 -12.68
CA ASP E 73 -10.56 -31.86 -13.33
C ASP E 73 -11.95 -32.48 -13.48
N SER E 74 -12.41 -32.58 -14.72
CA SER E 74 -13.72 -33.17 -14.98
C SER E 74 -13.75 -34.64 -14.58
N ALA E 75 -12.66 -35.36 -14.81
CA ALA E 75 -12.65 -36.79 -14.54
C ALA E 75 -12.82 -37.08 -13.05
N GLN E 76 -12.18 -36.27 -12.20
CA GLN E 76 -12.16 -36.51 -10.77
C GLN E 76 -13.14 -35.63 -10.00
N ASN E 77 -13.85 -34.74 -10.68
CA ASN E 77 -14.80 -33.82 -10.04
C ASN E 77 -14.12 -32.99 -8.95
N THR E 78 -12.93 -32.49 -9.28
CA THR E 78 -12.09 -31.78 -8.32
C THR E 78 -11.73 -30.40 -8.85
N LEU E 79 -11.80 -29.40 -7.97
CA LEU E 79 -11.43 -28.03 -8.26
C LEU E 79 -10.12 -27.69 -7.55
N TYR E 80 -9.20 -27.07 -8.27
CA TYR E 80 -7.87 -26.78 -7.75
C TYR E 80 -7.64 -25.28 -7.65
N LEU E 81 -6.74 -24.90 -6.74
CA LEU E 81 -6.25 -23.52 -6.62
C LEU E 81 -4.75 -23.60 -6.39
N GLN E 82 -3.98 -23.36 -7.45
CA GLN E 82 -2.51 -23.36 -7.38
C GLN E 82 -2.05 -22.00 -6.86
N MET E 83 -1.47 -21.98 -5.66
CA MET E 83 -1.05 -20.75 -5.00
C MET E 83 0.47 -20.68 -5.01
N ASN E 84 1.02 -19.88 -5.93
CA ASN E 84 2.46 -19.65 -6.02
C ASN E 84 2.79 -18.28 -5.44
N SER E 85 4.04 -18.15 -4.99
CA SER E 85 4.55 -16.91 -4.41
C SER E 85 3.63 -16.42 -3.29
N LEU E 86 3.49 -17.26 -2.26
CA LEU E 86 2.61 -16.92 -1.16
C LEU E 86 3.15 -15.72 -0.38
N ARG E 87 2.23 -15.00 0.25
CA ARG E 87 2.56 -13.88 1.10
C ARG E 87 1.88 -14.08 2.44
N SER E 88 2.43 -13.44 3.48
CA SER E 88 1.80 -13.46 4.79
C SER E 88 0.39 -12.92 4.75
N GLU E 89 0.05 -12.13 3.73
CA GLU E 89 -1.30 -11.61 3.58
C GLU E 89 -2.26 -12.70 3.13
N ASP E 90 -1.78 -13.73 2.42
CA ASP E 90 -2.65 -14.80 1.95
C ASP E 90 -3.18 -15.68 3.09
N THR E 91 -2.69 -15.49 4.32
CA THR E 91 -3.17 -16.25 5.46
C THR E 91 -4.66 -16.02 5.67
N ALA E 92 -5.46 -17.05 5.49
CA ALA E 92 -6.92 -16.93 5.58
C ALA E 92 -7.52 -18.33 5.63
N THR E 93 -8.84 -18.39 5.75
CA THR E 93 -9.59 -19.63 5.64
C THR E 93 -10.24 -19.65 4.25
N TYR E 94 -9.80 -20.58 3.41
CA TYR E 94 -10.19 -20.61 2.01
C TYR E 94 -11.40 -21.51 1.81
N TYR E 95 -12.36 -21.04 1.03
CA TYR E 95 -13.61 -21.77 0.82
C TYR E 95 -13.81 -22.09 -0.65
N CYS E 96 -14.51 -23.20 -0.88
CA CYS E 96 -14.85 -23.69 -2.22
C CYS E 96 -16.35 -23.56 -2.41
N THR E 97 -16.78 -23.03 -3.56
CA THR E 97 -18.18 -22.73 -3.80
C THR E 97 -18.64 -23.28 -5.14
N ARG E 98 -19.90 -23.73 -5.17
CA ARG E 98 -20.62 -23.96 -6.42
C ARG E 98 -21.46 -22.74 -6.73
N ASP E 99 -21.41 -22.28 -7.98
CA ASP E 99 -22.02 -21.01 -8.38
C ASP E 99 -23.18 -21.25 -9.35
N LEU E 100 -24.10 -20.30 -9.38
CA LEU E 100 -25.16 -20.25 -10.37
C LEU E 100 -24.93 -19.01 -11.20
N ARG E 101 -24.29 -19.18 -12.37
CA ARG E 101 -23.85 -18.04 -13.17
C ARG E 101 -25.03 -17.16 -13.57
N MET E 102 -26.19 -17.75 -13.87
CA MET E 102 -27.31 -16.94 -14.31
C MET E 102 -27.86 -16.05 -13.20
N SER E 103 -27.62 -16.37 -11.94
CA SER E 103 -28.17 -15.63 -10.82
C SER E 103 -27.12 -14.91 -9.97
N ASP E 104 -25.85 -15.04 -10.31
CA ASP E 104 -24.77 -14.28 -9.67
C ASP E 104 -24.70 -14.52 -8.17
N TYR E 105 -24.74 -15.79 -7.77
CA TYR E 105 -24.55 -16.10 -6.36
C TYR E 105 -24.00 -17.51 -6.21
N PHE E 106 -23.45 -17.77 -5.03
CA PHE E 106 -22.93 -19.08 -4.66
C PHE E 106 -23.95 -19.77 -3.78
N ASP E 107 -24.40 -20.97 -4.19
CA ASP E 107 -25.46 -21.66 -3.45
C ASP E 107 -24.94 -22.73 -2.50
N TYR E 108 -23.70 -23.20 -2.67
CA TYR E 108 -23.13 -24.20 -1.78
C TYR E 108 -21.70 -23.83 -1.46
N TRP E 109 -21.32 -24.00 -0.19
CA TRP E 109 -20.01 -23.62 0.31
C TRP E 109 -19.29 -24.85 0.85
N GLY E 110 -17.99 -24.91 0.61
CA GLY E 110 -17.18 -25.96 1.19
C GLY E 110 -17.02 -25.77 2.69
N GLN E 111 -16.44 -26.80 3.33
CA GLN E 111 -16.29 -26.77 4.77
C GLN E 111 -15.22 -25.78 5.22
N GLY E 112 -14.25 -25.48 4.37
CA GLY E 112 -13.21 -24.51 4.70
C GLY E 112 -11.87 -25.12 5.06
N THR E 113 -10.81 -24.64 4.43
CA THR E 113 -9.45 -25.09 4.69
C THR E 113 -8.60 -23.92 5.14
N MET E 114 -7.74 -24.15 6.13
CA MET E 114 -6.93 -23.09 6.71
C MET E 114 -5.56 -23.05 6.05
N VAL E 115 -5.09 -21.85 5.72
CA VAL E 115 -3.78 -21.64 5.12
C VAL E 115 -3.07 -20.55 5.90
N THR E 116 -1.96 -20.90 6.55
CA THR E 116 -1.18 -19.97 7.35
C THR E 116 0.18 -19.75 6.67
N VAL E 117 0.46 -18.52 6.30
CA VAL E 117 1.70 -18.15 5.63
C VAL E 117 2.49 -17.23 6.54
N SER E 118 3.79 -17.51 6.71
CA SER E 118 4.62 -16.71 7.59
C SER E 118 6.08 -16.95 7.26
N SER E 119 6.89 -15.91 7.43
CA SER E 119 8.34 -16.01 7.31
C SER E 119 9.01 -16.46 8.60
N ALA E 120 8.23 -16.67 9.67
CA ALA E 120 8.80 -17.01 10.95
C ALA E 120 9.26 -18.47 10.97
N SER E 121 10.16 -18.75 11.90
CA SER E 121 10.69 -20.10 12.12
C SER E 121 10.36 -20.53 13.55
N THR E 122 10.54 -21.83 13.80
CA THR E 122 10.19 -22.40 15.10
C THR E 122 11.06 -21.79 16.20
N LYS E 123 10.41 -21.13 17.16
CA LYS E 123 11.11 -20.43 18.22
C LYS E 123 10.37 -20.63 19.53
N GLY E 124 11.11 -20.99 20.59
CA GLY E 124 10.54 -21.16 21.90
C GLY E 124 10.23 -19.83 22.56
N PRO E 125 9.27 -19.83 23.48
CA PRO E 125 8.88 -18.57 24.14
C PRO E 125 9.83 -18.18 25.26
N SER E 126 9.88 -16.88 25.52
CA SER E 126 10.61 -16.33 26.65
C SER E 126 9.58 -15.91 27.70
N VAL E 127 9.55 -16.63 28.82
CA VAL E 127 8.51 -16.49 29.82
C VAL E 127 9.03 -15.64 30.98
N PHE E 128 8.30 -14.59 31.31
CA PHE E 128 8.59 -13.68 32.40
C PHE E 128 7.43 -13.70 33.39
N PRO E 129 7.66 -13.32 34.64
CA PRO E 129 6.57 -13.25 35.63
C PRO E 129 5.82 -11.93 35.56
N LEU E 130 4.57 -11.98 36.03
CA LEU E 130 3.74 -10.79 36.18
C LEU E 130 3.37 -10.68 37.66
N ALA E 131 4.06 -9.78 38.37
CA ALA E 131 3.86 -9.64 39.80
C ALA E 131 2.41 -9.25 40.10
N PRO E 132 1.89 -9.66 41.26
CA PRO E 132 0.46 -9.45 41.54
C PRO E 132 0.07 -7.98 41.58
N SER E 133 -1.14 -7.71 41.09
CA SER E 133 -1.75 -6.39 41.18
C SER E 133 -3.20 -6.56 41.62
N SER E 134 -3.74 -5.52 42.24
CA SER E 134 -5.05 -5.61 42.87
C SER E 134 -6.16 -5.71 41.83
N LYS E 135 -7.37 -5.98 42.32
CA LYS E 135 -8.55 -6.05 41.48
C LYS E 135 -9.81 -5.68 42.26
N GLY E 139 -10.10 -3.61 47.30
CA GLY E 139 -9.18 -4.69 47.01
C GLY E 139 -9.70 -6.05 47.45
N GLY E 140 -8.80 -6.87 48.01
CA GLY E 140 -9.12 -8.20 48.47
C GLY E 140 -8.81 -9.29 47.47
N THR E 141 -8.97 -9.02 46.18
CA THR E 141 -8.67 -9.97 45.13
C THR E 141 -7.51 -9.45 44.29
N ALA E 142 -6.49 -10.30 44.10
CA ALA E 142 -5.30 -9.93 43.37
C ALA E 142 -5.18 -10.75 42.09
N ALA E 143 -4.52 -10.17 41.09
CA ALA E 143 -4.33 -10.81 39.80
C ALA E 143 -2.84 -10.95 39.53
N LEU E 144 -2.40 -12.19 39.31
CA LEU E 144 -1.01 -12.49 39.02
C LEU E 144 -0.94 -13.47 37.86
N GLY E 145 0.13 -13.39 37.08
CA GLY E 145 0.29 -14.26 35.95
C GLY E 145 1.71 -14.31 35.45
N CYS E 146 1.88 -14.80 34.22
CA CYS E 146 3.16 -14.86 33.55
C CYS E 146 2.97 -14.56 32.07
N LEU E 147 3.96 -13.89 31.48
CA LEU E 147 3.85 -13.37 30.11
C LEU E 147 4.61 -14.28 29.16
N VAL E 148 3.88 -14.88 28.21
CA VAL E 148 4.46 -15.72 27.18
C VAL E 148 4.71 -14.80 25.98
N LYS E 149 5.97 -14.44 25.76
CA LYS E 149 6.33 -13.43 24.76
C LYS E 149 7.23 -14.05 23.69
N ASP E 150 6.93 -13.69 22.44
CA ASP E 150 7.76 -14.04 21.28
C ASP E 150 7.94 -15.54 21.12
N TYR E 151 6.92 -16.23 20.59
CA TYR E 151 7.03 -17.64 20.25
C TYR E 151 6.39 -17.86 18.89
N PHE E 152 6.75 -19.00 18.27
CA PHE E 152 6.21 -19.37 16.98
C PHE E 152 6.48 -20.86 16.74
N PRO E 153 5.51 -21.62 16.22
CA PRO E 153 4.16 -21.15 15.95
C PRO E 153 3.16 -21.53 17.04
N GLU E 154 1.88 -21.24 16.80
CA GLU E 154 0.82 -21.68 17.69
C GLU E 154 0.72 -23.22 17.65
N PRO E 155 0.19 -23.83 18.72
CA PRO E 155 -0.33 -23.23 19.95
C PRO E 155 0.63 -23.27 21.13
N VAL E 156 0.19 -22.69 22.25
CA VAL E 156 0.90 -22.75 23.53
C VAL E 156 -0.12 -23.06 24.62
N THR E 157 0.17 -24.08 25.42
CA THR E 157 -0.70 -24.50 26.51
C THR E 157 -0.04 -24.14 27.84
N VAL E 158 -0.81 -23.55 28.75
CA VAL E 158 -0.32 -23.13 30.04
C VAL E 158 -1.24 -23.69 31.12
N SER E 159 -0.64 -24.33 32.13
CA SER E 159 -1.36 -24.76 33.32
C SER E 159 -0.71 -24.13 34.54
N TRP E 160 -1.50 -23.96 35.60
CA TRP E 160 -1.04 -23.32 36.83
C TRP E 160 -0.89 -24.37 37.93
N ASN E 161 0.30 -24.40 38.54
CA ASN E 161 0.65 -25.39 39.54
C ASN E 161 0.45 -26.81 39.00
N SER E 162 1.01 -27.04 37.81
CA SER E 162 0.94 -28.29 37.05
C SER E 162 -0.48 -28.64 36.62
N GLY E 163 -1.44 -27.74 36.77
CA GLY E 163 -2.83 -28.01 36.49
C GLY E 163 -3.69 -28.20 37.72
N ALA E 164 -3.11 -28.14 38.92
CA ALA E 164 -3.88 -28.27 40.14
C ALA E 164 -4.55 -26.97 40.57
N LEU E 165 -4.08 -25.83 40.05
CA LEU E 165 -4.70 -24.54 40.28
C LEU E 165 -5.49 -24.17 39.04
N THR E 166 -6.82 -24.33 39.10
CA THR E 166 -7.70 -24.02 38.00
C THR E 166 -8.77 -22.99 38.34
N SER E 167 -8.93 -22.63 39.61
CA SER E 167 -9.96 -21.68 40.02
C SER E 167 -9.55 -20.28 39.59
N GLY E 168 -10.37 -19.65 38.75
CA GLY E 168 -10.09 -18.29 38.31
C GLY E 168 -8.95 -18.17 37.32
N VAL E 169 -8.55 -19.26 36.69
CA VAL E 169 -7.49 -19.22 35.68
C VAL E 169 -8.10 -18.83 34.34
N HIS E 170 -7.46 -17.88 33.64
CA HIS E 170 -8.00 -17.36 32.39
C HIS E 170 -6.82 -17.02 31.49
N THR E 171 -6.50 -17.93 30.57
CA THR E 171 -5.43 -17.71 29.60
C THR E 171 -5.99 -17.02 28.36
N PHE E 172 -5.37 -15.93 27.95
CA PHE E 172 -5.83 -15.09 26.86
C PHE E 172 -5.33 -15.61 25.52
N PRO E 173 -6.16 -15.52 24.48
CA PRO E 173 -5.69 -15.88 23.14
C PRO E 173 -4.54 -14.97 22.70
N ALA E 174 -3.57 -15.56 22.01
CA ALA E 174 -2.35 -14.86 21.67
C ALA E 174 -2.61 -13.77 20.63
N VAL E 175 -1.69 -12.81 20.57
CA VAL E 175 -1.70 -11.75 19.58
C VAL E 175 -0.58 -12.00 18.59
N LEU E 176 -0.83 -11.69 17.32
CA LEU E 176 0.18 -11.82 16.28
C LEU E 176 0.94 -10.50 16.17
N GLN E 177 2.18 -10.50 16.63
CA GLN E 177 3.00 -9.29 16.57
C GLN E 177 3.44 -9.02 15.13
N SER E 178 3.79 -7.75 14.89
CA SER E 178 4.24 -7.35 13.56
C SER E 178 5.57 -7.98 13.18
N SER E 179 6.28 -8.59 14.12
CA SER E 179 7.52 -9.30 13.82
C SER E 179 7.29 -10.74 13.38
N GLY E 180 6.04 -11.16 13.24
CA GLY E 180 5.76 -12.53 12.85
C GLY E 180 5.80 -13.53 13.98
N LEU E 181 5.74 -13.07 15.22
CA LEU E 181 5.78 -13.94 16.39
C LEU E 181 4.51 -13.77 17.20
N TYR E 182 4.26 -14.72 18.11
CA TYR E 182 3.07 -14.73 18.93
C TYR E 182 3.41 -14.36 20.37
N SER E 183 2.41 -13.85 21.09
CA SER E 183 2.56 -13.50 22.49
C SER E 183 1.20 -13.57 23.17
N LEU E 184 1.12 -14.35 24.24
CA LEU E 184 -0.09 -14.46 25.04
C LEU E 184 0.25 -14.25 26.51
N SER E 185 -0.79 -14.22 27.34
CA SER E 185 -0.62 -14.07 28.78
C SER E 185 -1.61 -14.97 29.49
N SER E 186 -1.14 -15.63 30.55
CA SER E 186 -1.96 -16.49 31.40
C SER E 186 -2.00 -15.88 32.79
N VAL E 187 -3.19 -15.52 33.25
CA VAL E 187 -3.37 -14.85 34.53
C VAL E 187 -4.32 -15.68 35.39
N VAL E 188 -4.12 -15.61 36.70
CA VAL E 188 -4.96 -16.31 37.67
C VAL E 188 -5.29 -15.34 38.81
N THR E 189 -6.58 -15.18 39.09
CA THR E 189 -7.03 -14.33 40.19
C THR E 189 -7.13 -15.16 41.46
N VAL E 190 -6.47 -14.70 42.51
CA VAL E 190 -6.43 -15.43 43.78
C VAL E 190 -6.79 -14.46 44.89
N PRO E 191 -7.23 -14.98 46.04
CA PRO E 191 -7.36 -14.12 47.23
C PRO E 191 -6.01 -13.51 47.58
N SER E 192 -6.01 -12.19 47.77
CA SER E 192 -4.76 -11.45 48.00
C SER E 192 -4.05 -11.84 49.29
N SER E 193 -4.69 -12.65 50.13
CA SER E 193 -4.06 -13.05 51.38
C SER E 193 -3.02 -14.14 51.21
N SER E 194 -3.13 -14.94 50.14
CA SER E 194 -2.26 -16.09 49.91
C SER E 194 -0.96 -15.73 49.21
N LEU E 195 -0.65 -14.44 49.04
CA LEU E 195 0.50 -14.06 48.23
C LEU E 195 1.82 -14.36 48.93
N GLY E 196 1.83 -14.37 50.26
CA GLY E 196 3.07 -14.58 50.98
C GLY E 196 3.44 -16.02 51.28
N THR E 197 2.53 -16.96 51.02
CA THR E 197 2.76 -18.36 51.38
C THR E 197 2.44 -19.36 50.28
N GLN E 198 1.55 -19.03 49.34
CA GLN E 198 1.19 -19.96 48.28
C GLN E 198 2.12 -19.77 47.09
N THR E 199 2.82 -20.84 46.70
CA THR E 199 3.74 -20.79 45.58
C THR E 199 2.95 -20.94 44.27
N TYR E 200 3.06 -19.94 43.40
CA TYR E 200 2.38 -19.94 42.12
C TYR E 200 3.41 -20.10 41.01
N ILE E 201 3.32 -21.20 40.27
CA ILE E 201 4.25 -21.53 39.20
C ILE E 201 3.44 -21.83 37.95
N CYS E 202 3.68 -21.07 36.89
CA CYS E 202 3.01 -21.28 35.61
C CYS E 202 3.89 -22.14 34.72
N ASN E 203 3.28 -23.14 34.07
CA ASN E 203 3.99 -24.12 33.26
C ASN E 203 3.64 -23.87 31.79
N VAL E 204 4.53 -23.19 31.08
CA VAL E 204 4.32 -22.88 29.67
C VAL E 204 4.94 -23.99 28.83
N ASN E 205 4.14 -24.57 27.94
CA ASN E 205 4.57 -25.66 27.08
C ASN E 205 4.36 -25.26 25.62
N HIS E 206 5.43 -25.38 24.83
CA HIS E 206 5.40 -25.08 23.40
C HIS E 206 5.90 -26.31 22.66
N LYS E 207 4.98 -27.24 22.37
CA LYS E 207 5.36 -28.46 21.68
C LYS E 207 5.97 -28.25 20.31
N PRO E 208 5.54 -27.26 19.49
CA PRO E 208 6.24 -27.02 18.22
C PRO E 208 7.75 -26.88 18.34
N SER E 209 8.23 -26.24 19.39
CA SER E 209 9.67 -26.13 19.65
C SER E 209 10.14 -27.05 20.75
N ASN E 210 9.25 -27.83 21.36
CA ASN E 210 9.58 -28.76 22.44
C ASN E 210 10.26 -28.02 23.61
N THR E 211 9.67 -26.89 23.98
CA THR E 211 10.21 -26.04 25.04
C THR E 211 9.23 -26.01 26.21
N LYS E 212 9.74 -26.27 27.41
CA LYS E 212 8.96 -26.16 28.65
C LYS E 212 9.64 -25.17 29.58
N VAL E 213 8.87 -24.19 30.06
CA VAL E 213 9.38 -23.16 30.94
C VAL E 213 8.53 -23.11 32.19
N ASP E 214 9.16 -23.25 33.35
CA ASP E 214 8.48 -23.18 34.65
C ASP E 214 8.98 -21.93 35.37
N LYS E 215 8.16 -20.88 35.34
CA LYS E 215 8.48 -19.62 36.02
C LYS E 215 7.63 -19.49 37.27
N LYS E 216 8.26 -19.04 38.35
CA LYS E 216 7.59 -18.83 39.63
C LYS E 216 7.31 -17.34 39.80
N VAL E 217 6.04 -17.01 40.02
CA VAL E 217 5.60 -15.62 40.14
C VAL E 217 5.62 -15.23 41.61
N GLU E 218 6.35 -14.18 41.94
CA GLU E 218 6.49 -13.68 43.30
C GLU E 218 5.97 -12.24 43.40
N PRO E 219 5.54 -11.83 44.59
CA PRO E 219 5.18 -10.41 44.79
C PRO E 219 6.42 -9.52 44.79
N LYS E 220 6.16 -8.21 44.81
CA LYS E 220 7.24 -7.23 44.84
C LYS E 220 7.14 -6.36 46.09
N GLN F 1 -17.40 -2.18 -11.42
CA GLN F 1 -16.47 -1.65 -10.43
C GLN F 1 -17.18 -0.68 -9.50
N PHE F 2 -17.38 -1.13 -8.25
CA PHE F 2 -18.06 -0.34 -7.23
C PHE F 2 -17.71 -0.95 -5.88
N VAL F 3 -18.37 -0.47 -4.83
CA VAL F 3 -18.12 -0.93 -3.46
C VAL F 3 -19.45 -1.10 -2.76
N LEU F 4 -19.65 -2.26 -2.13
CA LEU F 4 -20.81 -2.49 -1.29
C LEU F 4 -20.46 -2.15 0.15
N SER F 5 -21.26 -1.27 0.76
CA SER F 5 -20.95 -0.73 2.08
C SER F 5 -21.99 -1.22 3.08
N GLN F 6 -21.52 -1.91 4.11
CA GLN F 6 -22.35 -2.41 5.21
C GLN F 6 -21.91 -1.75 6.50
N PRO F 7 -22.79 -1.65 7.48
CA PRO F 7 -22.37 -1.18 8.81
C PRO F 7 -21.47 -2.20 9.48
N ASN F 8 -20.62 -1.72 10.37
CA ASN F 8 -19.65 -2.61 11.02
C ASN F 8 -20.34 -3.61 11.92
N SER F 9 -21.14 -3.13 12.87
CA SER F 9 -21.83 -4.00 13.82
C SER F 9 -23.11 -3.34 14.30
N VAL F 10 -24.18 -4.14 14.41
CA VAL F 10 -25.46 -3.70 14.96
C VAL F 10 -25.92 -4.72 15.99
N SER F 11 -26.97 -4.36 16.74
CA SER F 11 -27.42 -5.22 17.83
C SER F 11 -28.86 -4.95 18.20
N THR F 12 -29.64 -6.02 18.37
CA THR F 12 -31.02 -5.93 18.84
C THR F 12 -31.32 -7.00 19.88
N ASN F 13 -32.58 -7.46 19.92
CA ASN F 13 -33.00 -8.46 20.90
C ASN F 13 -34.00 -9.43 20.28
N LEU F 14 -34.38 -10.43 21.06
CA LEU F 14 -35.26 -11.50 20.61
C LEU F 14 -36.63 -10.94 20.22
N GLY F 15 -37.24 -11.56 19.21
CA GLY F 15 -38.56 -11.20 18.77
C GLY F 15 -38.67 -9.85 18.10
N SER F 16 -37.58 -9.12 18.00
CA SER F 16 -37.56 -7.79 17.41
C SER F 16 -37.56 -7.87 15.88
N THR F 17 -36.98 -6.86 15.24
CA THR F 17 -36.86 -6.83 13.80
C THR F 17 -35.76 -5.84 13.42
N VAL F 18 -34.85 -6.26 12.54
CA VAL F 18 -33.68 -5.47 12.20
C VAL F 18 -33.52 -5.44 10.68
N LYS F 19 -32.94 -4.35 10.19
CA LYS F 19 -32.73 -4.13 8.77
C LYS F 19 -31.25 -3.89 8.53
N LEU F 20 -30.59 -4.85 7.87
CA LEU F 20 -29.17 -4.72 7.55
C LEU F 20 -29.03 -4.14 6.15
N LEU F 21 -28.32 -3.03 6.03
CA LEU F 21 -28.20 -2.32 4.77
C LEU F 21 -26.89 -2.67 4.06
N CYS F 22 -26.87 -2.39 2.75
CA CYS F 22 -25.76 -2.71 1.86
C CYS F 22 -25.79 -1.67 0.73
N LYS F 23 -25.18 -0.51 0.99
CA LYS F 23 -25.24 0.60 0.05
C LYS F 23 -24.18 0.46 -1.03
N ARG F 24 -24.58 0.67 -2.27
CA ARG F 24 -23.67 0.60 -3.41
C ARG F 24 -23.12 1.99 -3.72
N SER F 25 -21.80 2.08 -3.83
CA SER F 25 -21.12 3.35 -4.10
C SER F 25 -21.58 4.00 -5.39
N THR F 26 -21.26 3.38 -6.53
CA THR F 26 -21.66 3.91 -7.82
C THR F 26 -22.60 2.94 -8.51
N GLY F 27 -23.34 3.46 -9.49
CA GLY F 27 -24.30 2.66 -10.23
C GLY F 27 -25.55 2.37 -9.41
N ASN F 28 -26.56 1.88 -10.11
CA ASN F 28 -27.83 1.54 -9.48
C ASN F 28 -27.75 0.18 -8.81
N ILE F 29 -28.34 0.08 -7.61
CA ILE F 29 -28.34 -1.18 -6.88
C ILE F 29 -29.13 -2.24 -7.63
N GLY F 30 -30.15 -1.83 -8.38
CA GLY F 30 -30.96 -2.71 -9.18
C GLY F 30 -30.34 -3.15 -10.49
N SER F 31 -29.12 -2.72 -10.78
CA SER F 31 -28.46 -3.13 -12.01
C SER F 31 -27.94 -4.57 -11.92
N ASN F 32 -27.52 -5.01 -10.74
CA ASN F 32 -26.98 -6.34 -10.55
C ASN F 32 -27.71 -7.03 -9.41
N TYR F 33 -27.81 -8.36 -9.50
CA TYR F 33 -28.44 -9.14 -8.45
C TYR F 33 -27.66 -9.01 -7.14
N VAL F 34 -28.39 -9.03 -6.03
CA VAL F 34 -27.79 -8.93 -4.71
C VAL F 34 -28.06 -10.22 -3.95
N SER F 35 -27.03 -10.76 -3.31
CA SER F 35 -27.14 -11.99 -2.54
C SER F 35 -26.60 -11.77 -1.13
N TRP F 36 -27.23 -12.44 -0.17
CA TRP F 36 -26.86 -12.34 1.24
C TRP F 36 -26.42 -13.70 1.77
N TYR F 37 -25.47 -13.68 2.70
CA TYR F 37 -24.87 -14.90 3.22
C TYR F 37 -24.71 -14.81 4.72
N GLN F 38 -25.14 -15.86 5.42
CA GLN F 38 -24.97 -15.97 6.87
C GLN F 38 -23.67 -16.69 7.15
N HIS F 39 -22.84 -16.11 8.01
CA HIS F 39 -21.53 -16.67 8.33
C HIS F 39 -21.36 -16.71 9.85
N HIS F 40 -21.29 -17.91 10.40
CA HIS F 40 -20.94 -18.11 11.80
C HIS F 40 -19.43 -18.28 11.94
N GLU F 41 -18.93 -17.95 13.13
CA GLU F 41 -17.49 -18.07 13.39
C GLU F 41 -17.10 -19.54 13.44
N GLY F 42 -16.07 -19.90 12.68
CA GLY F 42 -15.64 -21.27 12.60
C GLY F 42 -16.59 -22.20 11.87
N ARG F 43 -17.50 -21.65 11.08
CA ARG F 43 -18.50 -22.42 10.36
C ARG F 43 -18.44 -22.04 8.88
N SER F 44 -19.14 -22.81 8.05
CA SER F 44 -19.16 -22.48 6.63
C SER F 44 -20.32 -21.52 6.33
N PRO F 45 -20.08 -20.50 5.51
CA PRO F 45 -21.16 -19.57 5.17
C PRO F 45 -22.29 -20.27 4.44
N THR F 46 -23.51 -19.79 4.68
CA THR F 46 -24.70 -20.31 4.01
C THR F 46 -25.42 -19.19 3.29
N THR F 47 -26.03 -19.51 2.16
CA THR F 47 -26.71 -18.52 1.34
C THR F 47 -28.08 -18.22 1.93
N MET F 48 -28.30 -16.96 2.30
CA MET F 48 -29.54 -16.56 2.95
C MET F 48 -30.57 -16.03 1.96
N ILE F 49 -30.16 -15.11 1.10
CA ILE F 49 -31.04 -14.51 0.10
C ILE F 49 -30.30 -14.44 -1.21
N TYR F 50 -30.94 -14.89 -2.30
CA TYR F 50 -30.38 -14.78 -3.63
C TYR F 50 -31.35 -14.04 -4.55
N ARG F 51 -30.78 -13.36 -5.54
CA ARG F 51 -31.53 -12.57 -6.53
C ARG F 51 -32.45 -11.55 -5.86
N ASP F 52 -31.84 -10.66 -5.08
CA ASP F 52 -32.53 -9.56 -4.43
C ASP F 52 -33.51 -10.04 -3.36
N ASP F 53 -34.42 -10.95 -3.71
CA ASP F 53 -35.51 -11.26 -2.78
C ASP F 53 -36.01 -12.69 -2.91
N GLN F 54 -35.15 -13.64 -3.26
CA GLN F 54 -35.51 -15.05 -3.29
C GLN F 54 -34.75 -15.79 -2.20
N ARG F 55 -35.47 -16.56 -1.37
CA ARG F 55 -34.75 -17.32 -0.37
C ARG F 55 -34.71 -18.80 -0.75
N PRO F 56 -33.59 -19.48 -0.49
CA PRO F 56 -33.52 -20.92 -0.76
C PRO F 56 -34.47 -21.68 0.16
N ASP F 57 -34.61 -22.97 -0.13
CA ASP F 57 -35.38 -23.82 0.76
C ASP F 57 -34.60 -24.09 2.05
N GLY F 58 -35.32 -24.49 3.08
CA GLY F 58 -34.72 -24.62 4.38
C GLY F 58 -34.29 -23.31 5.00
N VAL F 59 -34.70 -22.18 4.43
CA VAL F 59 -34.40 -20.85 4.97
C VAL F 59 -35.65 -20.34 5.67
N PRO F 60 -35.54 -19.87 6.92
CA PRO F 60 -36.74 -19.43 7.64
C PRO F 60 -37.45 -18.29 6.92
N ASP F 61 -38.78 -18.30 6.98
CA ASP F 61 -39.56 -17.21 6.40
C ASP F 61 -39.31 -15.89 7.12
N ARG F 62 -38.60 -15.91 8.25
CA ARG F 62 -38.26 -14.70 8.98
C ARG F 62 -37.33 -13.81 8.17
N PHE F 63 -36.58 -14.39 7.23
CA PHE F 63 -35.63 -13.66 6.41
C PHE F 63 -36.29 -13.25 5.09
N SER F 64 -35.92 -12.06 4.61
CA SER F 64 -36.40 -11.58 3.32
C SER F 64 -35.45 -10.50 2.82
N GLY F 65 -35.40 -10.35 1.50
CA GLY F 65 -34.58 -9.33 0.89
C GLY F 65 -35.42 -8.26 0.21
N SER F 66 -34.83 -7.07 0.04
CA SER F 66 -35.57 -5.96 -0.53
C SER F 66 -34.58 -4.96 -1.13
N ILE F 67 -34.97 -4.38 -2.26
CA ILE F 67 -34.17 -3.35 -2.93
C ILE F 67 -34.84 -2.01 -2.69
N ASP F 68 -34.12 -1.09 -2.06
CA ASP F 68 -34.62 0.24 -1.76
C ASP F 68 -33.91 1.24 -2.66
N ARG F 69 -34.63 1.75 -3.67
CA ARG F 69 -34.02 2.65 -4.64
C ARG F 69 -33.59 3.97 -4.00
N SER F 70 -34.36 4.44 -3.01
CA SER F 70 -34.06 5.74 -2.40
C SER F 70 -32.67 5.74 -1.78
N SER F 71 -32.39 4.76 -0.92
CA SER F 71 -31.07 4.64 -0.31
C SER F 71 -30.04 4.00 -1.25
N ASN F 72 -30.46 3.52 -2.42
CA ASN F 72 -29.59 2.78 -3.33
C ASN F 72 -28.89 1.63 -2.61
N SER F 73 -29.65 0.89 -1.82
CA SER F 73 -29.09 -0.19 -1.02
C SER F 73 -30.07 -1.35 -0.98
N ALA F 74 -29.56 -2.51 -0.59
CA ALA F 74 -30.37 -3.70 -0.36
C ALA F 74 -30.48 -3.95 1.14
N LEU F 75 -31.64 -4.42 1.58
CA LEU F 75 -31.90 -4.64 3.00
C LEU F 75 -32.27 -6.09 3.24
N LEU F 76 -31.51 -6.76 4.10
CA LEU F 76 -31.86 -8.07 4.61
C LEU F 76 -32.66 -7.86 5.90
N THR F 77 -33.96 -8.13 5.84
CA THR F 77 -34.85 -7.94 6.97
C THR F 77 -35.01 -9.26 7.70
N ILE F 78 -34.83 -9.22 9.02
CA ILE F 78 -34.99 -10.40 9.86
C ILE F 78 -36.07 -10.09 10.89
N ASP F 79 -37.18 -10.79 10.82
CA ASP F 79 -38.23 -10.71 11.81
C ASP F 79 -38.05 -11.83 12.82
N ASN F 80 -38.60 -11.64 14.02
CA ASN F 80 -38.65 -12.67 15.05
C ASN F 80 -37.27 -13.25 15.32
N VAL F 81 -36.35 -12.36 15.69
CA VAL F 81 -34.94 -12.72 15.85
C VAL F 81 -34.78 -13.91 16.80
N GLN F 82 -33.69 -14.66 16.60
CA GLN F 82 -33.30 -15.72 17.51
C GLN F 82 -31.86 -15.52 17.98
N THR F 83 -31.32 -16.51 18.69
CA THR F 83 -29.99 -16.38 19.27
C THR F 83 -28.89 -16.68 18.26
N GLU F 84 -29.08 -17.70 17.44
CA GLU F 84 -28.06 -18.09 16.47
C GLU F 84 -27.81 -17.00 15.43
N ASP F 85 -28.79 -16.12 15.22
CA ASP F 85 -28.66 -15.07 14.22
C ASP F 85 -27.49 -14.13 14.50
N GLU F 86 -26.86 -14.23 15.66
CA GLU F 86 -25.69 -13.40 15.95
C GLU F 86 -24.53 -13.84 15.05
N ALA F 87 -24.73 -13.77 13.74
CA ALA F 87 -23.73 -14.20 12.78
C ALA F 87 -23.33 -13.01 11.90
N ALA F 88 -22.18 -13.14 11.25
CA ALA F 88 -21.78 -12.14 10.28
C ALA F 88 -22.64 -12.27 9.03
N TYR F 89 -22.99 -11.13 8.43
CA TYR F 89 -23.82 -11.11 7.24
C TYR F 89 -23.10 -10.34 6.14
N PHE F 90 -23.01 -10.94 4.95
CA PHE F 90 -22.31 -10.36 3.82
C PHE F 90 -23.26 -10.25 2.63
N CYS F 91 -23.32 -9.06 2.03
CA CYS F 91 -24.01 -8.91 0.77
C CYS F 91 -23.01 -9.05 -0.37
N HIS F 92 -23.52 -9.46 -1.53
CA HIS F 92 -22.67 -9.74 -2.68
C HIS F 92 -23.28 -9.22 -3.96
N SER F 93 -22.44 -8.68 -4.83
CA SER F 93 -22.87 -8.33 -6.18
C SER F 93 -21.74 -8.61 -7.16
N TYR F 94 -22.12 -8.92 -8.40
CA TYR F 94 -21.17 -9.29 -9.44
C TYR F 94 -21.32 -8.35 -10.63
N SER F 95 -20.18 -7.99 -11.21
CA SER F 95 -20.16 -7.13 -12.39
C SER F 95 -19.07 -7.65 -13.33
N THR F 96 -19.48 -8.48 -14.28
CA THR F 96 -18.65 -8.93 -15.40
C THR F 96 -17.18 -9.11 -15.03
N GLY F 97 -16.85 -10.23 -14.43
CA GLY F 97 -15.48 -10.52 -14.07
C GLY F 97 -15.03 -9.99 -12.72
N MET F 98 -15.94 -9.42 -11.93
CA MET F 98 -15.58 -8.91 -10.61
C MET F 98 -16.66 -9.32 -9.62
N TYR F 99 -16.25 -9.95 -8.53
CA TYR F 99 -17.16 -10.37 -7.45
C TYR F 99 -16.94 -9.45 -6.26
N ILE F 100 -18.01 -8.78 -5.83
CA ILE F 100 -17.92 -7.72 -4.83
C ILE F 100 -18.64 -8.18 -3.58
N PHE F 101 -17.91 -8.22 -2.47
CA PHE F 101 -18.47 -8.53 -1.16
C PHE F 101 -18.49 -7.27 -0.30
N GLY F 102 -19.56 -7.11 0.47
CA GLY F 102 -19.59 -6.09 1.48
C GLY F 102 -18.64 -6.40 2.61
N GLY F 103 -18.35 -5.38 3.42
CA GLY F 103 -17.45 -5.56 4.54
C GLY F 103 -17.97 -6.51 5.60
N GLY F 104 -19.29 -6.69 5.68
CA GLY F 104 -19.87 -7.54 6.69
C GLY F 104 -20.38 -6.79 7.90
N THR F 105 -21.50 -7.23 8.45
CA THR F 105 -22.13 -6.60 9.61
C THR F 105 -22.27 -7.65 10.70
N LYS F 106 -21.39 -7.59 11.71
CA LYS F 106 -21.43 -8.55 12.81
C LYS F 106 -22.60 -8.18 13.71
N LEU F 107 -23.78 -8.68 13.33
CA LEU F 107 -24.96 -8.51 14.16
C LEU F 107 -24.73 -9.19 15.50
N THR F 108 -25.09 -8.50 16.59
CA THR F 108 -24.96 -9.06 17.93
C THR F 108 -26.35 -9.10 18.55
N VAL F 109 -26.79 -10.29 18.95
CA VAL F 109 -28.08 -10.44 19.60
C VAL F 109 -27.89 -10.25 21.10
N LEU F 110 -28.53 -9.22 21.65
CA LEU F 110 -28.39 -8.90 23.06
C LEU F 110 -29.29 -9.81 23.88
N GLY F 111 -28.69 -10.54 24.82
CA GLY F 111 -29.42 -11.48 25.64
C GLY F 111 -28.91 -11.62 27.06
N GLN F 112 -28.35 -10.54 27.59
CA GLN F 112 -27.85 -10.51 28.96
C GLN F 112 -27.55 -9.07 29.33
N PRO F 113 -27.56 -8.74 30.62
CA PRO F 113 -27.17 -7.39 31.04
C PRO F 113 -25.71 -7.11 30.70
N LYS F 114 -25.46 -5.88 30.22
CA LYS F 114 -24.11 -5.50 29.83
C LYS F 114 -23.20 -5.39 31.06
N ALA F 115 -21.92 -5.65 30.84
CA ALA F 115 -20.94 -5.67 31.91
C ALA F 115 -19.77 -4.76 31.58
N ALA F 116 -19.27 -4.07 32.60
CA ALA F 116 -18.15 -3.15 32.44
C ALA F 116 -16.84 -3.94 32.38
N PRO F 117 -15.82 -3.40 31.70
CA PRO F 117 -14.56 -4.14 31.57
C PRO F 117 -13.76 -4.11 32.86
N SER F 118 -13.16 -5.25 33.19
CA SER F 118 -12.23 -5.37 34.31
C SER F 118 -10.81 -5.20 33.76
N VAL F 119 -10.21 -4.05 34.03
CA VAL F 119 -8.93 -3.67 33.44
C VAL F 119 -7.84 -3.95 34.45
N THR F 120 -6.89 -4.81 34.10
CA THR F 120 -5.72 -5.10 34.91
C THR F 120 -4.47 -4.82 34.08
N LEU F 121 -3.63 -3.92 34.56
CA LEU F 121 -2.42 -3.49 33.85
C LEU F 121 -1.18 -3.93 34.62
N PHE F 122 -0.20 -4.45 33.89
CA PHE F 122 1.03 -4.97 34.49
C PHE F 122 2.23 -4.20 33.95
N PRO F 123 3.12 -3.73 34.81
CA PRO F 123 4.36 -3.08 34.34
C PRO F 123 5.33 -4.11 33.83
N PRO F 124 6.39 -3.69 33.13
CA PRO F 124 7.40 -4.65 32.67
C PRO F 124 8.10 -5.31 33.85
N SER F 125 8.16 -6.64 33.82
CA SER F 125 8.85 -7.38 34.87
C SER F 125 10.33 -7.05 34.87
N SER F 126 10.94 -7.14 36.04
CA SER F 126 12.38 -6.90 36.15
C SER F 126 13.16 -7.91 35.31
N GLU F 127 12.70 -9.16 35.30
CA GLU F 127 13.33 -10.18 34.45
C GLU F 127 13.30 -9.77 32.98
N GLU F 128 12.25 -9.07 32.57
CA GLU F 128 12.19 -8.54 31.21
C GLU F 128 13.00 -7.26 31.06
N LEU F 129 13.05 -6.43 32.11
CA LEU F 129 13.81 -5.18 32.02
C LEU F 129 15.29 -5.44 31.86
N GLN F 130 15.82 -6.44 32.57
CA GLN F 130 17.21 -6.84 32.36
C GLN F 130 17.41 -7.42 30.96
N ALA F 131 16.35 -7.94 30.34
CA ALA F 131 16.47 -8.56 29.04
C ALA F 131 16.45 -7.52 27.94
N ASN F 132 16.72 -6.26 28.30
CA ASN F 132 16.74 -5.13 27.39
C ASN F 132 15.41 -4.95 26.65
N LYS F 133 14.32 -5.45 27.24
CA LYS F 133 12.99 -5.32 26.67
C LYS F 133 12.07 -4.69 27.70
N ALA F 134 10.84 -4.40 27.26
CA ALA F 134 9.81 -3.86 28.13
C ALA F 134 8.46 -4.02 27.45
N THR F 135 7.51 -4.66 28.15
CA THR F 135 6.19 -4.91 27.59
C THR F 135 5.15 -4.65 28.66
N LEU F 136 4.21 -3.75 28.37
CA LEU F 136 3.06 -3.51 29.23
C LEU F 136 1.94 -4.47 28.88
N VAL F 137 1.30 -5.03 29.90
CA VAL F 137 0.27 -6.05 29.73
C VAL F 137 -1.03 -5.51 30.30
N CYS F 138 -1.96 -5.13 29.42
CA CYS F 138 -3.28 -4.67 29.82
C CYS F 138 -4.28 -5.76 29.52
N LEU F 139 -4.87 -6.34 30.56
CA LEU F 139 -5.80 -7.46 30.45
C LEU F 139 -7.22 -6.97 30.68
N ILE F 140 -8.10 -7.26 29.73
CA ILE F 140 -9.50 -6.87 29.78
C ILE F 140 -10.35 -8.13 29.81
N SER F 141 -11.29 -8.20 30.76
CA SER F 141 -12.09 -9.40 30.93
C SER F 141 -13.46 -9.03 31.49
N ASP F 142 -14.41 -9.95 31.31
CA ASP F 142 -15.75 -9.89 31.91
C ASP F 142 -16.50 -8.63 31.48
N PHE F 143 -16.73 -8.52 30.17
CA PHE F 143 -17.52 -7.43 29.62
C PHE F 143 -18.47 -7.98 28.57
N TYR F 144 -19.51 -7.18 28.28
CA TYR F 144 -20.51 -7.55 27.29
C TYR F 144 -21.23 -6.28 26.85
N PRO F 145 -21.48 -6.08 25.54
CA PRO F 145 -21.12 -6.97 24.43
C PRO F 145 -19.63 -6.91 24.10
N GLY F 146 -19.12 -7.96 23.45
CA GLY F 146 -17.70 -8.06 23.15
C GLY F 146 -17.22 -7.13 22.05
N ALA F 147 -17.03 -5.85 22.40
CA ALA F 147 -16.52 -4.87 21.43
C ALA F 147 -15.93 -3.72 22.22
N VAL F 148 -14.60 -3.66 22.30
CA VAL F 148 -13.89 -2.61 23.01
C VAL F 148 -12.73 -2.12 22.16
N THR F 149 -12.30 -0.89 22.43
CA THR F 149 -11.15 -0.29 21.78
C THR F 149 -10.17 0.18 22.85
N VAL F 150 -8.88 -0.03 22.61
CA VAL F 150 -7.83 0.26 23.57
C VAL F 150 -6.98 1.42 23.05
N ALA F 151 -6.58 2.29 23.97
CA ALA F 151 -5.70 3.41 23.66
C ALA F 151 -4.67 3.56 24.77
N TRP F 152 -3.41 3.64 24.39
CA TRP F 152 -2.30 3.76 25.32
C TRP F 152 -1.84 5.22 25.42
N LYS F 153 -1.52 5.64 26.64
CA LYS F 153 -1.07 7.00 26.91
C LYS F 153 0.24 6.93 27.65
N ALA F 154 1.18 7.81 27.28
CA ALA F 154 2.45 7.95 27.96
C ALA F 154 2.53 9.38 28.48
N ASP F 155 2.55 9.53 29.82
CA ASP F 155 2.42 10.84 30.45
C ASP F 155 1.14 11.51 29.98
N SER F 156 1.27 12.51 29.11
CA SER F 156 0.11 13.21 28.56
C SER F 156 0.03 13.04 27.04
N SER F 157 0.64 11.99 26.50
CA SER F 157 0.75 11.86 25.05
C SER F 157 0.22 10.53 24.56
N PRO F 158 -0.54 10.51 23.47
CA PRO F 158 -1.00 9.23 22.91
C PRO F 158 0.18 8.44 22.35
N VAL F 159 0.04 7.12 22.37
CA VAL F 159 1.05 6.22 21.85
C VAL F 159 0.54 5.63 20.54
N LYS F 160 1.32 5.80 19.47
CA LYS F 160 0.92 5.37 18.14
C LYS F 160 1.78 4.25 17.57
N ALA F 161 2.73 3.73 18.34
CA ALA F 161 3.60 2.65 17.86
C ALA F 161 3.75 1.61 18.96
N GLY F 162 3.97 0.36 18.54
CA GLY F 162 4.15 -0.73 19.47
C GLY F 162 2.90 -1.22 20.16
N VAL F 163 1.72 -0.84 19.69
CA VAL F 163 0.45 -1.25 20.29
C VAL F 163 -0.10 -2.41 19.49
N GLU F 164 -0.34 -3.54 20.18
CA GLU F 164 -0.95 -4.72 19.58
C GLU F 164 -2.09 -5.18 20.46
N THR F 165 -3.30 -5.23 19.90
CA THR F 165 -4.50 -5.58 20.64
C THR F 165 -5.16 -6.79 20.00
N THR F 166 -5.61 -7.72 20.83
CA THR F 166 -6.32 -8.90 20.35
C THR F 166 -7.78 -8.59 20.09
N THR F 167 -8.38 -9.33 19.17
CA THR F 167 -9.81 -9.23 18.95
C THR F 167 -10.56 -9.80 20.14
N PRO F 168 -11.70 -9.21 20.53
CA PRO F 168 -12.43 -9.72 21.69
C PRO F 168 -12.86 -11.17 21.49
N SER F 169 -12.49 -12.01 22.45
CA SER F 169 -12.80 -13.43 22.42
C SER F 169 -13.79 -13.77 23.54
N LYS F 170 -14.72 -14.67 23.24
CA LYS F 170 -15.81 -14.98 24.16
C LYS F 170 -15.29 -15.86 25.30
N GLN F 171 -15.63 -15.49 26.53
CA GLN F 171 -15.17 -16.21 27.72
C GLN F 171 -16.01 -17.46 27.94
N SER F 172 -15.89 -18.04 29.13
CA SER F 172 -16.67 -19.24 29.47
C SER F 172 -18.09 -18.89 29.90
N ASN F 173 -18.27 -17.77 30.59
CA ASN F 173 -19.59 -17.32 31.03
C ASN F 173 -20.31 -16.49 29.96
N ASN F 174 -19.96 -16.67 28.69
CA ASN F 174 -20.54 -15.99 27.53
C ASN F 174 -20.21 -14.50 27.47
N LYS F 175 -19.48 -13.96 28.44
CA LYS F 175 -18.92 -12.62 28.30
C LYS F 175 -17.62 -12.70 27.49
N TYR F 176 -16.91 -11.59 27.38
CA TYR F 176 -15.76 -11.53 26.49
C TYR F 176 -14.51 -11.07 27.25
N ALA F 177 -13.38 -11.21 26.56
CA ALA F 177 -12.10 -10.81 27.11
C ALA F 177 -11.17 -10.40 25.96
N ALA F 178 -10.27 -9.47 26.26
CA ALA F 178 -9.28 -9.03 25.29
C ALA F 178 -8.05 -8.55 26.04
N SER F 179 -6.94 -8.40 25.30
CA SER F 179 -5.68 -7.99 25.88
C SER F 179 -4.97 -7.02 24.94
N SER F 180 -4.18 -6.13 25.53
CA SER F 180 -3.41 -5.14 24.78
C SER F 180 -1.99 -5.12 25.32
N TYR F 181 -1.03 -5.04 24.39
CA TYR F 181 0.39 -5.01 24.73
C TYR F 181 1.03 -3.78 24.13
N LEU F 182 2.04 -3.25 24.84
CA LEU F 182 2.76 -2.08 24.39
C LEU F 182 4.26 -2.36 24.53
N SER F 183 4.96 -2.39 23.40
CA SER F 183 6.39 -2.65 23.38
C SER F 183 7.17 -1.35 23.57
N LEU F 184 8.13 -1.38 24.48
CA LEU F 184 8.98 -0.24 24.75
C LEU F 184 10.40 -0.71 25.00
N THR F 185 11.33 0.23 24.93
CA THR F 185 12.67 -0.04 25.42
C THR F 185 12.74 0.26 26.91
N PRO F 186 13.66 -0.37 27.63
CA PRO F 186 13.83 -0.04 29.06
C PRO F 186 14.10 1.44 29.31
N GLU F 187 14.60 2.16 28.31
CA GLU F 187 14.80 3.59 28.44
C GLU F 187 13.50 4.37 28.24
N GLN F 188 12.60 3.87 27.39
CA GLN F 188 11.29 4.51 27.23
C GLN F 188 10.46 4.37 28.50
N TRP F 189 10.60 3.24 29.20
CA TRP F 189 9.76 2.96 30.36
C TRP F 189 10.19 3.76 31.58
N LYS F 190 11.48 3.97 31.76
CA LYS F 190 12.00 4.66 32.95
C LYS F 190 12.07 6.17 32.79
N SER F 191 11.90 6.70 31.58
CA SER F 191 11.94 8.13 31.35
C SER F 191 10.60 8.80 31.60
N HIS F 192 9.50 8.14 31.29
CA HIS F 192 8.17 8.73 31.43
C HIS F 192 7.69 8.65 32.87
N ARG F 193 6.71 9.51 33.18
CA ARG F 193 6.15 9.52 34.53
C ARG F 193 5.25 8.31 34.76
N SER F 194 4.41 7.97 33.78
CA SER F 194 3.51 6.83 33.91
C SER F 194 2.94 6.48 32.55
N TYR F 195 2.43 5.26 32.45
CA TYR F 195 1.70 4.78 31.28
C TYR F 195 0.32 4.32 31.72
N SER F 196 -0.68 4.51 30.85
CA SER F 196 -2.06 4.22 31.18
C SER F 196 -2.72 3.44 30.05
N CYS F 197 -3.74 2.65 30.42
CA CYS F 197 -4.49 1.82 29.47
C CYS F 197 -5.96 2.19 29.56
N GLN F 198 -6.50 2.76 28.49
CA GLN F 198 -7.92 3.11 28.40
C GLN F 198 -8.66 2.02 27.64
N VAL F 199 -9.81 1.60 28.16
CA VAL F 199 -10.65 0.60 27.52
C VAL F 199 -12.04 1.18 27.36
N THR F 200 -12.42 1.52 26.12
CA THR F 200 -13.74 2.06 25.81
C THR F 200 -14.70 0.90 25.60
N HIS F 201 -15.77 0.87 26.41
CA HIS F 201 -16.79 -0.16 26.32
C HIS F 201 -18.15 0.51 26.36
N GLU F 202 -18.88 0.44 25.24
CA GLU F 202 -20.21 1.05 25.11
C GLU F 202 -20.17 2.55 25.41
N GLY F 203 -19.17 3.22 24.84
CA GLY F 203 -19.03 4.65 25.02
C GLY F 203 -18.55 5.07 26.39
N SER F 204 -18.14 4.14 27.24
CA SER F 204 -17.64 4.45 28.58
C SER F 204 -16.28 3.80 28.76
N THR F 205 -15.33 4.57 29.31
CA THR F 205 -13.94 4.15 29.40
C THR F 205 -13.55 3.83 30.83
N VAL F 206 -12.75 2.78 31.00
CA VAL F 206 -12.16 2.42 32.28
C VAL F 206 -10.64 2.45 32.10
N GLU F 207 -9.96 3.25 32.92
CA GLU F 207 -8.54 3.53 32.75
C GLU F 207 -7.78 3.12 34.00
N LYS F 208 -6.67 2.40 33.80
CA LYS F 208 -5.70 2.10 34.84
C LYS F 208 -4.34 2.65 34.44
N THR F 209 -3.43 2.73 35.41
CA THR F 209 -2.14 3.37 35.20
C THR F 209 -1.08 2.72 36.08
N VAL F 210 0.13 2.58 35.54
CA VAL F 210 1.27 2.05 36.28
C VAL F 210 2.42 3.05 36.18
N ALA F 211 3.43 2.84 37.01
CA ALA F 211 4.59 3.70 37.10
C ALA F 211 5.84 2.82 37.24
N PRO F 212 7.00 3.34 36.86
CA PRO F 212 8.23 2.54 36.97
C PRO F 212 8.57 2.23 38.42
N THR F 213 8.92 0.97 38.68
CA THR F 213 9.29 0.51 40.02
C THR F 213 10.65 1.08 40.44
#